data_6M4O
#
_entry.id   6M4O
#
_cell.length_a   1.00
_cell.length_b   1.00
_cell.length_c   1.00
_cell.angle_alpha   90.00
_cell.angle_beta   90.00
_cell.angle_gamma   90.00
#
_symmetry.space_group_name_H-M   'P 1'
#
loop_
_entity.id
_entity.type
_entity.pdbx_description
1 polymer 'Serine palmitoyltransferase 1'
2 polymer 'Serine palmitoyltransferase 2'
3 polymer 'ORM1-like protein 3'
4 polymer 'Serine palmitoyltransferase small subunit A'
5 non-polymer "PYRIDOXAL-5'-PHOSPHATE"
#
loop_
_entity_poly.entity_id
_entity_poly.type
_entity_poly.pdbx_seq_one_letter_code
_entity_poly.pdbx_strand_id
1 'polypeptide(L)'
;MATATEQWVLVEMVQALYEAPAYHLILEGILILWIIRLLFSKTYKLQERSDLTVKEKEELIEEWQPEPLVPPVPKDHPAL
NYNIVSGPPSHKTVVNGKECINFASFNFLGLLDNPRVKAAALASLKKYGVGTCGPRGFYGTFDVHLDLEDRLAKFMKTEE
AIIYSYGFATIASAIPAYSKRGDIVFVDRAACFAIQKGLQASRSDIKLFKHNDMADLERLLKEQEIEDQKNPRKARVTRR
FIVVEGLYMNTGTICPLPELVKLKYKYKARIFLEESLSFGVLGEHGRGVTEHYGINIDDIDLISANMENALASIGGFCCG
RSFVIDHQRLSGQGYCFSASLPPLLAAAAIEALNIMEENPGIFAVLKEKCGQIHKALQGISGLKVVGESLSPAFHLQLEE
STGSREQDVRLLQEIVDQCMNRSIALTQARYLEKEEKCLPPPSIRVVVTVEQTEEELERAASTIKEVAQAVLL
;
S,B
2 'polypeptide(L)'
;MRPEPGGCCCRRTVRANGCVANGEVRNGYVRSSAAAAAAAAAGQIHHVTQNGGLYKRPFNEAFEETPMLVAVLTYVGYGV
LTLFGYLRDFLRYWRIEKCHHATEREEQKDFVSLYQDFENFYTRNLYMRIRDNWNRPICSVPGARVDIMERQSHDYNWSF
KYTGNIIKGVINMGSYNYLGFARNTGSCQEAAAKVLEEYGAGVCSTRQEIGNLDKHEELEELVARFLGVEAAMAYGMGFA
TNSMNIPALVGKGCLILSDELNHASLVLGARLSGATIRIFKHNNMQSLEKLLKDAIVYGQPRTRRPWKKILILVEGIYSM
EGSIVRLPEVIALKKKYKAYLYLDEAHSIGALGPTGRGVVEYFGLDPEDVDVMMGTFTKSFGASGGYIGGKKELIDYLRT
HSHSAVYATSLSPPVVEQIITSMKCIMGQDGTSLGKECVQQLAENTRYFRRRLKEMGFIIYGNEDSPVVPLMLYMPAKIG
AFGREMLKRNIGVVVVGFPATPIIESRARFCLSAAHTKEILDTALKEIDEVGDLLQLKYSRHRLVPLLDRPFDETTYEET
ED
;
T
3 'polypeptide(L)'
;MNVGTAHSEVNPNTRVMNSRGIWLSYVLAIGLLHIVLLSIPFVSVPVVWTLTNLIHNMGMYIFLHTVKGTPFETPDQGKA
RLLTHWEQMDYGVQFTASRKFLTITPIVLYFLTSFYTKYDQIHFVLNTVSLMSVLIPKLPQLHGVRIFGINKY
;
A
4 'polypeptide(L)'
;MADYKDDDDKSGPDEVDASGRMAGMALARAWKQMSWFYYQYLLVTALYMLEPWERTVFNSMLVSIVGMALYTGYVFMPQH
IMAILHYFEIVQ
;
E
#
loop_
_chem_comp.id
_chem_comp.type
_chem_comp.name
_chem_comp.formula
PLP non-polymer PYRIDOXAL-5'-PHOSPHATE 'C8 H10 N O6 P'
#
# COMPACT_ATOMS: atom_id res chain seq x y z
N THR A 53 24.78 29.59 -16.02
CA THR A 53 25.63 29.84 -14.87
C THR A 53 27.03 29.39 -15.23
N VAL A 54 28.03 30.16 -14.81
CA VAL A 54 29.43 29.89 -15.10
C VAL A 54 29.85 28.57 -14.44
N LYS A 55 30.68 27.79 -15.15
CA LYS A 55 31.01 26.45 -14.70
C LYS A 55 31.85 26.46 -13.42
N GLU A 56 32.70 27.46 -13.26
CA GLU A 56 33.49 27.56 -12.02
C GLU A 56 32.61 27.81 -10.81
N LYS A 57 31.52 28.59 -10.98
CA LYS A 57 30.56 28.87 -9.92
C LYS A 57 29.95 27.60 -9.35
N GLU A 58 29.72 26.58 -10.17
CA GLU A 58 29.11 25.35 -9.69
C GLU A 58 30.09 24.49 -8.91
N GLU A 59 31.36 24.88 -8.87
CA GLU A 59 32.28 24.23 -7.94
C GLU A 59 32.37 25.00 -6.63
N LEU A 60 32.12 26.31 -6.65
CA LEU A 60 32.11 27.10 -5.43
C LEU A 60 30.98 26.73 -4.48
N ILE A 61 29.80 26.41 -5.01
CA ILE A 61 28.65 26.11 -4.16
C ILE A 61 28.85 24.79 -3.42
N GLU A 62 29.66 23.88 -3.96
CA GLU A 62 29.79 22.54 -3.40
C GLU A 62 30.59 22.49 -2.11
N GLU A 63 30.95 23.64 -1.54
CA GLU A 63 31.21 23.71 -0.10
C GLU A 63 29.89 24.10 0.56
N TRP A 64 29.12 23.07 0.92
CA TRP A 64 27.74 23.17 1.34
C TRP A 64 27.55 22.28 2.55
N GLN A 65 26.85 22.76 3.57
CA GLN A 65 26.81 21.97 4.77
C GLN A 65 25.38 21.58 5.14
N PRO A 66 25.09 20.30 5.26
CA PRO A 66 23.77 19.86 5.68
C PRO A 66 23.65 19.77 7.19
N GLU A 67 22.43 19.99 7.67
CA GLU A 67 22.10 19.68 9.05
C GLU A 67 22.27 18.18 9.28
N PRO A 68 22.80 17.76 10.42
CA PRO A 68 22.91 16.32 10.70
C PRO A 68 21.55 15.64 10.79
N LEU A 69 21.57 14.32 10.58
CA LEU A 69 20.33 13.58 10.40
C LEU A 69 19.54 13.49 11.70
N VAL A 70 20.22 13.40 12.83
CA VAL A 70 19.55 13.41 14.12
C VAL A 70 20.08 14.58 14.93
N PRO A 71 19.25 15.26 15.71
CA PRO A 71 19.77 16.28 16.62
C PRO A 71 20.43 15.66 17.83
N PRO A 72 21.24 16.42 18.57
CA PRO A 72 21.71 15.95 19.87
C PRO A 72 20.58 15.94 20.88
N VAL A 73 19.86 14.82 20.89
CA VAL A 73 18.51 14.60 21.44
C VAL A 73 18.14 15.27 22.76
N PRO A 74 18.85 15.07 23.89
CA PRO A 74 18.21 15.29 25.20
C PRO A 74 17.96 16.76 25.54
N LYS A 75 16.75 17.03 26.03
CA LYS A 75 16.40 18.37 26.50
C LYS A 75 17.16 18.71 27.77
N ASP A 76 16.91 17.97 28.85
CA ASP A 76 17.74 18.04 30.05
C ASP A 76 18.47 16.72 30.27
N HIS A 77 17.72 15.61 30.41
CA HIS A 77 18.19 14.23 30.23
C HIS A 77 17.07 13.22 30.03
N PRO A 78 16.24 13.30 28.95
CA PRO A 78 15.22 12.25 28.79
C PRO A 78 15.78 11.00 28.15
N ALA A 79 15.98 9.95 28.96
CA ALA A 79 16.22 8.61 28.46
C ALA A 79 14.98 7.73 28.57
N LEU A 80 13.95 8.24 29.24
CA LEU A 80 12.57 7.74 29.28
C LEU A 80 12.37 6.43 30.04
N ASN A 81 13.46 5.77 30.40
CA ASN A 81 13.48 4.62 31.31
C ASN A 81 12.55 3.50 30.80
N TYR A 82 12.96 2.90 29.67
CA TYR A 82 12.29 1.72 29.14
C TYR A 82 12.19 0.63 30.19
N ASN A 83 10.97 0.35 30.62
CA ASN A 83 10.75 -0.55 31.74
C ASN A 83 10.86 -1.98 31.26
N ILE A 84 12.01 -2.59 31.46
CA ILE A 84 12.25 -3.96 31.02
C ILE A 84 11.45 -4.89 31.90
N VAL A 85 10.56 -5.68 31.29
CA VAL A 85 9.68 -6.60 31.99
C VAL A 85 10.26 -7.99 31.86
N SER A 86 10.43 -8.68 32.99
CA SER A 86 10.99 -10.03 33.01
C SER A 86 9.83 -11.02 32.98
N GLY A 87 9.66 -11.68 31.84
CA GLY A 87 8.63 -12.67 31.72
C GLY A 87 7.40 -12.12 31.03
N PRO A 88 6.26 -12.76 31.23
CA PRO A 88 5.02 -12.27 30.64
C PRO A 88 4.58 -10.98 31.31
N PRO A 89 3.90 -10.08 30.60
CA PRO A 89 3.27 -8.94 31.25
C PRO A 89 1.92 -9.31 31.86
N SER A 90 1.95 -10.26 32.78
CA SER A 90 0.75 -10.89 33.31
C SER A 90 0.16 -10.02 34.42
N HIS A 91 -0.72 -10.61 35.22
CA HIS A 91 -1.22 -9.92 36.40
C HIS A 91 -0.11 -9.67 37.41
N LYS A 92 0.63 -10.72 37.78
CA LYS A 92 1.70 -10.61 38.76
C LYS A 92 3.03 -10.46 38.02
N THR A 93 3.20 -9.32 37.36
CA THR A 93 4.40 -9.10 36.58
C THR A 93 5.56 -8.69 37.49
N VAL A 94 6.76 -8.65 36.92
CA VAL A 94 7.93 -8.15 37.63
C VAL A 94 8.66 -7.15 36.74
N VAL A 95 8.58 -5.87 37.12
CA VAL A 95 9.08 -4.77 36.31
C VAL A 95 10.32 -4.21 36.99
N ASN A 96 11.45 -4.23 36.27
CA ASN A 96 12.75 -3.79 36.76
C ASN A 96 13.17 -4.53 38.03
N GLY A 97 12.82 -5.81 38.10
CA GLY A 97 13.16 -6.62 39.26
C GLY A 97 12.31 -6.38 40.48
N LYS A 98 11.06 -5.94 40.30
CA LYS A 98 10.15 -5.68 41.40
C LYS A 98 8.82 -6.34 41.11
N GLU A 99 8.43 -7.31 41.94
CA GLU A 99 7.17 -8.01 41.72
C GLU A 99 6.00 -7.11 42.08
N CYS A 100 5.05 -6.98 41.16
CA CYS A 100 4.03 -5.95 41.23
C CYS A 100 2.85 -6.31 40.35
N ILE A 101 1.68 -5.77 40.69
CA ILE A 101 0.50 -5.95 39.86
C ILE A 101 0.41 -4.75 38.91
N ASN A 102 -0.06 -5.01 37.69
CA ASN A 102 0.05 -4.01 36.63
C ASN A 102 -1.25 -3.25 36.44
N PHE A 103 -1.13 -2.03 35.96
CA PHE A 103 -2.26 -1.16 35.70
C PHE A 103 -2.09 -0.41 34.38
N ALA A 104 -1.38 -1.03 33.43
CA ALA A 104 -1.19 -0.41 32.12
C ALA A 104 -1.36 -1.42 31.00
N SER A 105 -1.40 -2.71 31.34
CA SER A 105 -1.73 -3.70 30.35
C SER A 105 -3.20 -3.61 29.99
N PHE A 106 -3.49 -3.66 28.69
CA PHE A 106 -4.84 -3.48 28.17
C PHE A 106 -5.57 -4.81 27.98
N ASN A 107 -5.18 -5.88 28.66
CA ASN A 107 -5.97 -7.10 28.61
C ASN A 107 -7.08 -7.03 29.66
N PHE A 108 -8.14 -6.30 29.30
CA PHE A 108 -9.28 -6.08 30.19
C PHE A 108 -9.96 -7.39 30.53
N LEU A 109 -10.17 -8.24 29.52
CA LEU A 109 -10.83 -9.52 29.71
C LEU A 109 -9.91 -10.57 30.32
N GLY A 110 -8.62 -10.26 30.45
CA GLY A 110 -7.69 -11.24 30.96
C GLY A 110 -7.46 -12.41 30.04
N LEU A 111 -7.44 -12.17 28.74
CA LEU A 111 -7.36 -13.25 27.76
C LEU A 111 -5.93 -13.60 27.39
N LEU A 112 -4.94 -12.90 27.92
CA LEU A 112 -3.56 -13.21 27.57
C LEU A 112 -3.05 -14.41 28.35
N ASP A 113 -3.51 -14.58 29.58
CA ASP A 113 -3.01 -15.61 30.47
C ASP A 113 -3.97 -16.79 30.59
N ASN A 114 -4.85 -16.92 29.62
CA ASN A 114 -5.91 -17.92 29.59
C ASN A 114 -5.40 -19.15 28.86
N PRO A 115 -5.43 -20.34 29.48
CA PRO A 115 -4.88 -21.53 28.81
C PRO A 115 -5.65 -21.98 27.58
N ARG A 116 -6.90 -21.58 27.38
CA ARG A 116 -7.57 -21.91 26.13
C ARG A 116 -7.03 -21.10 24.97
N VAL A 117 -6.62 -19.86 25.22
CA VAL A 117 -6.06 -19.02 24.16
C VAL A 117 -4.67 -19.52 23.77
N LYS A 118 -3.89 -19.99 24.75
CA LYS A 118 -2.59 -20.56 24.44
C LYS A 118 -2.72 -21.93 23.78
N ALA A 119 -3.81 -22.65 24.04
CA ALA A 119 -4.01 -23.96 23.42
C ALA A 119 -4.39 -23.83 21.96
N ALA A 120 -5.23 -22.87 21.62
CA ALA A 120 -5.62 -22.68 20.22
C ALA A 120 -4.52 -22.04 19.41
N ALA A 121 -3.64 -21.28 20.05
CA ALA A 121 -2.52 -20.68 19.32
C ALA A 121 -1.35 -21.65 19.19
N LEU A 122 -1.35 -22.71 19.99
CA LEU A 122 -0.32 -23.73 19.84
C LEU A 122 -0.70 -24.75 18.79
N ALA A 123 -1.98 -25.12 18.72
CA ALA A 123 -2.41 -26.13 17.76
C ALA A 123 -2.52 -25.57 16.36
N SER A 124 -2.39 -24.25 16.18
CA SER A 124 -2.28 -23.65 14.87
C SER A 124 -0.85 -23.37 14.46
N LEU A 125 0.06 -23.31 15.42
CA LEU A 125 1.47 -23.15 15.09
C LEU A 125 2.07 -24.45 14.59
N LYS A 126 1.49 -25.58 14.97
CA LYS A 126 2.03 -26.88 14.61
C LYS A 126 1.51 -27.40 13.28
N LYS A 127 0.71 -26.61 12.56
CA LYS A 127 0.23 -27.02 11.25
C LYS A 127 0.34 -25.95 10.19
N TYR A 128 0.63 -24.70 10.55
CA TYR A 128 0.75 -23.62 9.57
C TYR A 128 2.13 -22.99 9.59
N GLY A 129 2.79 -23.03 10.73
CA GLY A 129 4.05 -22.33 10.90
C GLY A 129 3.86 -21.00 11.59
N VAL A 130 4.95 -20.25 11.66
CA VAL A 130 4.99 -18.99 12.39
C VAL A 130 4.50 -17.83 11.54
N GLY A 131 5.19 -17.56 10.44
CA GLY A 131 4.83 -16.41 9.63
C GLY A 131 4.16 -16.79 8.34
N THR A 132 3.61 -15.79 7.66
CA THR A 132 3.04 -15.97 6.33
C THR A 132 3.99 -15.36 5.32
N CYS A 133 4.60 -16.19 4.49
CA CYS A 133 5.55 -15.72 3.50
C CYS A 133 4.77 -15.09 2.35
N GLY A 134 4.73 -13.76 2.37
CA GLY A 134 4.15 -13.02 1.28
C GLY A 134 2.94 -12.22 1.70
N PRO A 135 2.47 -11.32 0.86
CA PRO A 135 1.29 -10.51 1.16
C PRO A 135 0.03 -11.34 1.02
N ARG A 136 -1.10 -10.67 1.19
CA ARG A 136 -2.37 -11.37 1.28
C ARG A 136 -2.98 -11.64 -0.10
N GLY A 137 -2.54 -10.94 -1.13
CA GLY A 137 -2.95 -11.29 -2.45
C GLY A 137 -2.11 -12.43 -3.01
N PHE A 138 -0.80 -12.31 -2.87
CA PHE A 138 0.13 -13.20 -3.56
C PHE A 138 0.42 -14.43 -2.70
N TYR A 139 -0.58 -15.32 -2.62
CA TYR A 139 -0.51 -16.60 -1.88
C TYR A 139 -0.21 -16.39 -0.40
N GLY A 140 -1.11 -15.71 0.29
CA GLY A 140 -0.90 -15.51 1.71
C GLY A 140 -2.16 -15.48 2.54
N THR A 141 -3.24 -16.04 2.01
CA THR A 141 -4.54 -15.99 2.66
C THR A 141 -4.94 -17.38 3.11
N PHE A 142 -4.74 -17.69 4.39
CA PHE A 142 -4.92 -19.05 4.89
C PHE A 142 -6.41 -19.34 5.10
N ASP A 143 -6.67 -20.48 5.76
CA ASP A 143 -8.03 -20.77 6.19
C ASP A 143 -8.48 -19.85 7.30
N VAL A 144 -7.61 -19.65 8.30
CA VAL A 144 -7.95 -18.84 9.45
C VAL A 144 -8.07 -17.37 9.10
N HIS A 145 -7.47 -16.95 7.99
CA HIS A 145 -7.73 -15.61 7.49
C HIS A 145 -9.13 -15.49 6.91
N LEU A 146 -9.73 -16.61 6.52
CA LEU A 146 -11.13 -16.56 6.14
C LEU A 146 -12.03 -16.83 7.34
N ASP A 147 -11.60 -17.69 8.26
CA ASP A 147 -12.42 -18.05 9.41
C ASP A 147 -12.54 -16.91 10.41
N LEU A 148 -11.48 -16.14 10.62
CA LEU A 148 -11.55 -15.02 11.55
C LEU A 148 -12.34 -13.86 10.99
N GLU A 149 -12.29 -13.63 9.67
CA GLU A 149 -13.15 -12.61 9.07
C GLU A 149 -14.61 -13.00 9.16
N ASP A 150 -14.91 -14.29 9.07
CA ASP A 150 -16.30 -14.73 9.13
C ASP A 150 -16.81 -14.74 10.57
N ARG A 151 -15.91 -14.76 11.54
CA ARG A 151 -16.36 -14.68 12.92
C ARG A 151 -16.62 -13.23 13.35
N LEU A 152 -15.78 -12.30 12.88
CA LEU A 152 -15.96 -10.90 13.26
C LEU A 152 -17.13 -10.25 12.51
N ALA A 153 -17.53 -10.82 11.38
CA ALA A 153 -18.73 -10.33 10.73
C ALA A 153 -19.97 -10.75 11.48
N LYS A 154 -19.96 -11.95 12.08
CA LYS A 154 -21.11 -12.42 12.81
C LYS A 154 -21.07 -12.04 14.28
N PHE A 155 -19.94 -11.51 14.77
CA PHE A 155 -19.91 -11.02 16.13
C PHE A 155 -20.32 -9.55 16.22
N MET A 156 -20.05 -8.80 15.17
CA MET A 156 -20.52 -7.43 15.02
C MET A 156 -21.88 -7.34 14.36
N LYS A 157 -22.37 -8.45 13.80
CA LYS A 157 -23.62 -8.53 13.03
C LYS A 157 -23.65 -7.54 11.88
N THR A 158 -22.66 -7.67 11.01
CA THR A 158 -22.63 -6.96 9.73
C THR A 158 -22.12 -7.92 8.65
N GLU A 159 -21.98 -7.41 7.43
CA GLU A 159 -21.72 -8.29 6.29
C GLU A 159 -20.26 -8.73 6.20
N GLU A 160 -19.33 -7.79 6.04
CA GLU A 160 -17.93 -8.12 5.85
C GLU A 160 -17.11 -7.67 7.05
N ALA A 161 -15.85 -8.12 7.07
CA ALA A 161 -14.88 -7.69 8.07
C ALA A 161 -13.50 -7.90 7.49
N ILE A 162 -12.80 -6.81 7.21
CA ILE A 162 -11.42 -6.87 6.75
C ILE A 162 -10.51 -7.16 7.93
N ILE A 163 -9.26 -7.52 7.67
CA ILE A 163 -8.25 -7.68 8.72
C ILE A 163 -6.94 -7.07 8.24
N TYR A 164 -6.40 -6.14 9.03
CA TYR A 164 -5.06 -5.64 8.80
C TYR A 164 -4.08 -6.31 9.75
N SER A 165 -2.81 -6.24 9.40
CA SER A 165 -1.77 -6.94 10.14
C SER A 165 -1.21 -6.13 11.30
N TYR A 166 -1.75 -4.94 11.57
CA TYR A 166 -1.10 -4.07 12.55
C TYR A 166 -2.12 -3.09 13.07
N GLY A 167 -2.13 -2.91 14.39
CA GLY A 167 -3.18 -2.15 15.02
C GLY A 167 -3.11 -0.66 14.75
N PHE A 168 -1.92 -0.15 14.45
CA PHE A 168 -1.83 1.26 14.11
C PHE A 168 -2.31 1.51 12.68
N ALA A 169 -1.96 0.63 11.74
CA ALA A 169 -2.23 0.86 10.34
C ALA A 169 -3.58 0.31 9.90
N THR A 170 -4.54 0.19 10.81
CA THR A 170 -5.88 -0.22 10.43
C THR A 170 -6.83 0.95 10.20
N ILE A 171 -6.43 2.15 10.62
CA ILE A 171 -7.22 3.35 10.37
C ILE A 171 -6.35 4.44 9.76
N ALA A 172 -5.03 4.32 9.85
CA ALA A 172 -4.16 5.13 9.02
C ALA A 172 -4.19 4.68 7.58
N SER A 173 -4.68 3.48 7.30
CA SER A 173 -4.79 2.95 5.96
C SER A 173 -6.22 2.73 5.50
N ALA A 174 -7.21 3.05 6.34
CA ALA A 174 -8.60 2.94 5.95
C ALA A 174 -9.19 4.29 5.59
N ILE A 175 -8.73 5.35 6.26
CA ILE A 175 -9.20 6.70 5.92
C ILE A 175 -8.74 7.18 4.54
N PRO A 176 -7.46 7.04 4.12
CA PRO A 176 -7.11 7.55 2.78
C PRO A 176 -7.68 6.76 1.61
N ALA A 177 -8.38 5.65 1.86
CA ALA A 177 -8.99 4.93 0.75
C ALA A 177 -10.23 5.66 0.25
N TYR A 178 -10.86 6.47 1.11
CA TYR A 178 -12.13 7.11 0.78
C TYR A 178 -12.01 8.60 0.51
N SER A 179 -11.48 9.36 1.46
CA SER A 179 -11.36 10.80 1.28
C SER A 179 -10.12 11.10 0.46
N LYS A 180 -10.29 11.83 -0.65
CA LYS A 180 -9.21 11.99 -1.65
C LYS A 180 -9.17 13.44 -2.12
N ARG A 181 -8.40 14.28 -1.42
CA ARG A 181 -8.04 15.65 -1.79
C ARG A 181 -9.17 16.65 -2.02
N GLY A 182 -10.42 16.26 -1.86
CA GLY A 182 -11.49 17.19 -2.10
C GLY A 182 -12.53 17.14 -1.02
N ASP A 183 -12.45 16.10 -0.20
CA ASP A 183 -13.53 15.84 0.74
C ASP A 183 -13.27 16.57 2.03
N ILE A 184 -14.30 16.67 2.86
CA ILE A 184 -14.25 17.51 4.05
C ILE A 184 -14.54 16.65 5.27
N VAL A 185 -13.57 16.56 6.18
CA VAL A 185 -13.61 15.60 7.28
C VAL A 185 -13.66 16.37 8.59
N PHE A 186 -14.55 15.99 9.49
CA PHE A 186 -14.73 16.67 10.77
C PHE A 186 -14.30 15.72 11.89
N VAL A 187 -13.23 16.08 12.60
CA VAL A 187 -12.57 15.18 13.53
C VAL A 187 -12.61 15.80 14.93
N ASP A 188 -12.72 14.96 15.96
CA ASP A 188 -13.07 15.39 17.31
C ASP A 188 -11.87 15.92 18.13
N ARG A 189 -10.74 16.27 17.50
CA ARG A 189 -9.68 17.12 18.04
C ARG A 189 -8.89 16.48 19.20
N ALA A 190 -9.40 15.40 19.77
CA ALA A 190 -8.69 14.64 20.78
C ALA A 190 -8.68 13.17 20.40
N ALA A 191 -8.78 12.88 19.11
CA ALA A 191 -8.68 11.52 18.63
C ALA A 191 -7.25 11.02 18.74
N CYS A 192 -7.09 9.72 18.57
CA CYS A 192 -5.79 9.09 18.75
C CYS A 192 -4.83 9.49 17.63
N PHE A 193 -3.57 9.09 17.77
CA PHE A 193 -2.58 9.44 16.76
C PHE A 193 -2.72 8.56 15.53
N ALA A 194 -3.41 7.44 15.66
CA ALA A 194 -3.67 6.59 14.50
C ALA A 194 -4.66 7.24 13.55
N ILE A 195 -5.62 7.99 14.09
CA ILE A 195 -6.55 8.72 13.23
C ILE A 195 -5.85 9.91 12.59
N GLN A 196 -4.94 10.55 13.32
CA GLN A 196 -4.30 11.76 12.84
C GLN A 196 -3.27 11.52 11.75
N LYS A 197 -2.97 10.27 11.43
CA LYS A 197 -2.15 10.01 10.26
C LYS A 197 -2.95 9.55 9.06
N GLY A 198 -4.22 9.19 9.25
CA GLY A 198 -5.09 9.00 8.10
C GLY A 198 -5.54 10.31 7.53
N LEU A 199 -5.51 11.36 8.34
CA LEU A 199 -5.95 12.68 7.91
C LEU A 199 -4.84 13.46 7.25
N GLN A 200 -3.59 13.01 7.41
CA GLN A 200 -2.48 13.66 6.74
C GLN A 200 -2.15 12.94 5.43
N ALA A 201 -2.38 11.63 5.39
CA ALA A 201 -2.11 10.88 4.17
C ALA A 201 -3.18 11.11 3.12
N SER A 202 -4.41 11.34 3.54
CA SER A 202 -5.49 11.75 2.66
C SER A 202 -5.53 13.26 2.68
N ARG A 203 -5.12 13.91 1.59
CA ARG A 203 -4.89 15.36 1.60
C ARG A 203 -6.21 16.13 1.49
N SER A 204 -7.13 15.81 2.37
CA SER A 204 -8.45 16.40 2.46
C SER A 204 -8.46 17.40 3.60
N ASP A 205 -9.11 18.55 3.39
CA ASP A 205 -9.04 19.62 4.38
C ASP A 205 -9.85 19.27 5.62
N ILE A 206 -9.18 19.25 6.76
CA ILE A 206 -9.76 18.76 8.00
C ILE A 206 -10.32 19.95 8.77
N LYS A 207 -11.48 19.77 9.40
CA LYS A 207 -12.09 20.81 10.20
C LYS A 207 -12.41 20.25 11.57
N LEU A 208 -11.59 20.59 12.55
CA LEU A 208 -11.66 19.99 13.88
C LEU A 208 -12.79 20.64 14.68
N PHE A 209 -13.46 19.85 15.52
CA PHE A 209 -14.49 20.36 16.41
C PHE A 209 -14.18 19.95 17.84
N LYS A 210 -14.75 20.68 18.79
CA LYS A 210 -14.32 20.54 20.18
C LYS A 210 -14.79 19.23 20.79
N HIS A 211 -14.03 18.75 21.76
CA HIS A 211 -14.14 17.37 22.23
C HIS A 211 -15.39 17.14 23.06
N ASN A 212 -16.14 16.09 22.68
CA ASN A 212 -17.38 15.66 23.33
C ASN A 212 -18.36 16.84 23.39
N ASP A 213 -18.57 17.45 22.23
CA ASP A 213 -19.26 18.74 22.19
C ASP A 213 -20.04 18.86 20.91
N MET A 214 -21.37 18.77 21.00
CA MET A 214 -22.20 19.21 19.89
C MET A 214 -22.35 20.72 19.95
N ALA A 215 -23.06 21.26 18.96
CA ALA A 215 -23.30 22.70 18.71
C ALA A 215 -22.03 23.48 18.37
N ASP A 216 -20.86 22.84 18.40
CA ASP A 216 -19.70 23.27 17.65
C ASP A 216 -19.43 22.31 16.50
N LEU A 217 -20.14 21.18 16.45
CA LEU A 217 -20.16 20.37 15.26
C LEU A 217 -21.32 20.77 14.35
N GLU A 218 -22.39 21.32 14.91
CA GLU A 218 -23.43 21.90 14.07
C GLU A 218 -22.95 23.17 13.39
N ARG A 219 -22.05 23.91 14.03
CA ARG A 219 -21.55 25.15 13.46
C ARG A 219 -20.69 24.88 12.24
N LEU A 220 -19.95 23.77 12.23
CA LEU A 220 -19.10 23.48 11.10
C LEU A 220 -19.89 22.96 9.91
N LEU A 221 -21.01 22.28 10.17
CA LEU A 221 -21.86 21.80 9.09
C LEU A 221 -22.78 22.88 8.54
N LYS A 222 -23.04 23.94 9.31
CA LYS A 222 -23.72 25.08 8.74
C LYS A 222 -22.76 25.93 7.91
N GLU A 223 -21.45 25.77 8.11
CA GLU A 223 -20.50 26.40 7.21
C GLU A 223 -20.37 25.66 5.90
N GLN A 224 -20.97 24.47 5.78
CA GLN A 224 -21.05 23.82 4.48
C GLN A 224 -22.39 24.06 3.79
N GLU A 225 -23.46 24.25 4.54
CA GLU A 225 -24.73 24.60 3.90
C GLU A 225 -24.70 26.02 3.34
N ILE A 226 -23.95 26.91 3.97
CA ILE A 226 -23.62 28.18 3.34
C ILE A 226 -22.77 27.95 2.11
N GLU A 227 -21.80 27.03 2.20
CA GLU A 227 -21.00 26.67 1.05
C GLU A 227 -21.79 25.84 0.03
N ASP A 228 -22.86 25.16 0.46
CA ASP A 228 -23.70 24.44 -0.49
C ASP A 228 -24.51 25.41 -1.35
N GLN A 229 -25.11 26.43 -0.77
CA GLN A 229 -25.85 27.41 -1.56
C GLN A 229 -24.97 28.55 -2.07
N LYS A 230 -23.66 28.34 -2.11
CA LYS A 230 -22.74 29.30 -2.71
C LYS A 230 -22.22 28.84 -4.06
N ASN A 231 -21.83 27.57 -4.18
CA ASN A 231 -21.32 27.01 -5.42
C ASN A 231 -21.96 25.63 -5.53
N PRO A 232 -23.13 25.53 -6.17
CA PRO A 232 -23.89 24.27 -6.12
C PRO A 232 -23.28 23.14 -6.91
N ARG A 233 -22.36 23.41 -7.84
CA ARG A 233 -21.71 22.31 -8.55
C ARG A 233 -20.62 21.70 -7.69
N LYS A 234 -19.79 22.53 -7.04
CA LYS A 234 -18.66 22.00 -6.29
C LYS A 234 -19.13 21.24 -5.05
N ALA A 235 -20.21 21.69 -4.42
CA ALA A 235 -20.75 21.01 -3.25
C ALA A 235 -21.64 19.82 -3.61
N ARG A 236 -21.58 19.35 -4.85
CA ARG A 236 -22.28 18.15 -5.27
C ARG A 236 -21.35 16.95 -5.27
N VAL A 237 -20.05 17.18 -5.16
CA VAL A 237 -19.07 16.10 -5.31
C VAL A 237 -18.10 16.12 -4.12
N THR A 238 -18.47 16.83 -3.04
CA THR A 238 -17.56 16.96 -1.91
C THR A 238 -17.49 15.69 -1.07
N ARG A 239 -18.62 15.02 -0.85
CA ARG A 239 -18.77 13.78 -0.05
C ARG A 239 -18.08 13.87 1.32
N ARG A 240 -18.66 14.70 2.17
CA ARG A 240 -18.04 14.98 3.46
C ARG A 240 -18.23 13.83 4.44
N PHE A 241 -17.27 13.68 5.34
CA PHE A 241 -17.27 12.61 6.33
C PHE A 241 -17.26 13.19 7.73
N ILE A 242 -17.52 12.33 8.72
CA ILE A 242 -17.34 12.65 10.13
C ILE A 242 -16.57 11.51 10.76
N VAL A 243 -15.41 11.79 11.34
CA VAL A 243 -14.57 10.76 11.93
C VAL A 243 -14.52 11.00 13.44
N VAL A 244 -15.15 10.11 14.19
CA VAL A 244 -15.24 10.21 15.63
C VAL A 244 -14.74 8.89 16.20
N GLU A 245 -14.27 8.93 17.44
CA GLU A 245 -13.82 7.74 18.14
C GLU A 245 -14.79 7.43 19.26
N GLY A 246 -15.11 6.15 19.43
CA GLY A 246 -16.19 5.77 20.33
C GLY A 246 -15.86 6.01 21.79
N LEU A 247 -14.77 5.42 22.28
CA LEU A 247 -14.27 5.76 23.60
C LEU A 247 -12.83 6.20 23.42
N TYR A 248 -12.48 7.34 24.01
CA TYR A 248 -11.21 7.97 23.69
C TYR A 248 -10.09 7.45 24.57
N MET A 249 -8.94 7.25 23.95
CA MET A 249 -7.76 6.87 24.70
C MET A 249 -7.17 8.05 25.44
N ASN A 250 -7.33 9.26 24.92
CA ASN A 250 -6.68 10.44 25.46
C ASN A 250 -7.49 11.15 26.52
N THR A 251 -8.81 10.96 26.56
CA THR A 251 -9.60 11.58 27.61
C THR A 251 -10.33 10.55 28.45
N GLY A 252 -10.75 9.45 27.82
CA GLY A 252 -11.47 8.43 28.57
C GLY A 252 -12.94 8.71 28.72
N THR A 253 -13.54 9.40 27.76
CA THR A 253 -14.97 9.69 27.75
C THR A 253 -15.64 8.97 26.59
N ILE A 254 -16.96 9.10 26.52
CA ILE A 254 -17.78 8.45 25.51
C ILE A 254 -18.51 9.52 24.71
N CYS A 255 -18.47 9.42 23.37
CA CYS A 255 -19.08 10.44 22.55
C CYS A 255 -20.55 10.14 22.27
N PRO A 256 -21.40 11.18 22.18
CA PRO A 256 -22.85 10.95 22.03
C PRO A 256 -23.27 10.57 20.63
N LEU A 257 -23.23 9.28 20.32
CA LEU A 257 -23.78 8.74 19.07
C LEU A 257 -25.22 9.11 18.73
N PRO A 258 -26.21 9.10 19.66
CA PRO A 258 -27.58 9.42 19.23
C PRO A 258 -27.79 10.85 18.81
N GLU A 259 -27.02 11.80 19.34
CA GLU A 259 -27.04 13.13 18.77
C GLU A 259 -26.07 13.27 17.61
N LEU A 260 -25.37 12.20 17.25
CA LEU A 260 -24.45 12.19 16.12
C LEU A 260 -24.94 11.32 14.98
N VAL A 261 -25.69 10.26 15.27
CA VAL A 261 -26.31 9.47 14.20
C VAL A 261 -27.47 10.23 13.58
N LYS A 262 -28.33 10.84 14.41
CA LYS A 262 -29.46 11.60 13.88
C LYS A 262 -29.02 12.88 13.19
N LEU A 263 -27.81 13.34 13.48
CA LEU A 263 -27.29 14.54 12.86
C LEU A 263 -26.49 14.22 11.61
N LYS A 264 -26.24 12.94 11.35
CA LYS A 264 -25.61 12.55 10.09
C LYS A 264 -26.54 12.82 8.91
N TYR A 265 -27.83 12.54 9.08
CA TYR A 265 -28.75 12.57 7.96
C TYR A 265 -29.17 13.98 7.57
N LYS A 266 -29.32 14.89 8.53
CA LYS A 266 -29.77 16.24 8.22
C LYS A 266 -28.69 17.03 7.51
N TYR A 267 -27.43 16.61 7.65
CA TYR A 267 -26.33 17.34 7.05
C TYR A 267 -25.47 16.46 6.14
N LYS A 268 -25.90 15.22 5.91
CA LYS A 268 -25.52 14.41 4.76
C LYS A 268 -24.03 14.04 4.75
N ALA A 269 -23.53 13.61 5.89
CA ALA A 269 -22.16 13.17 6.05
C ALA A 269 -22.12 11.65 6.25
N ARG A 270 -20.95 11.12 6.60
CA ARG A 270 -20.79 9.71 6.90
C ARG A 270 -19.90 9.55 8.12
N ILE A 271 -20.22 8.57 8.97
CA ILE A 271 -19.58 8.41 10.27
C ILE A 271 -18.60 7.26 10.21
N PHE A 272 -17.35 7.53 10.60
CA PHE A 272 -16.28 6.54 10.64
C PHE A 272 -15.89 6.30 12.09
N LEU A 273 -16.61 5.40 12.75
CA LEU A 273 -16.35 5.10 14.15
C LEU A 273 -15.07 4.29 14.28
N GLU A 274 -14.27 4.62 15.29
CA GLU A 274 -12.94 4.05 15.46
C GLU A 274 -12.81 3.46 16.86
N GLU A 275 -13.72 2.56 17.23
CA GLU A 275 -13.80 2.10 18.62
C GLU A 275 -12.62 1.18 18.94
N SER A 276 -11.49 1.80 19.23
CA SER A 276 -10.30 1.05 19.57
C SER A 276 -10.34 0.54 21.00
N LEU A 277 -10.73 1.38 21.94
CA LEU A 277 -10.87 0.97 23.33
C LEU A 277 -12.31 0.61 23.70
N SER A 278 -13.27 1.01 22.87
CA SER A 278 -14.67 0.74 23.17
C SER A 278 -15.05 -0.69 22.81
N PHE A 279 -14.37 -1.28 21.84
CA PHE A 279 -14.54 -2.69 21.56
C PHE A 279 -14.01 -3.51 22.72
N GLY A 280 -14.57 -4.71 22.88
CA GLY A 280 -14.26 -5.54 24.02
C GLY A 280 -15.27 -5.39 25.13
N VAL A 281 -15.28 -4.29 25.88
CA VAL A 281 -16.24 -4.08 26.96
C VAL A 281 -16.84 -2.68 26.84
N LEU A 282 -18.03 -2.58 26.27
CA LEU A 282 -19.04 -1.57 26.58
C LEU A 282 -20.42 -2.18 26.81
N GLY A 283 -20.82 -3.17 26.03
CA GLY A 283 -22.17 -3.66 26.03
C GLY A 283 -22.32 -4.98 26.77
N GLU A 284 -23.54 -5.53 26.69
CA GLU A 284 -23.80 -6.81 27.33
C GLU A 284 -23.32 -7.99 26.48
N HIS A 285 -22.76 -7.71 25.31
CA HIS A 285 -22.11 -8.73 24.51
C HIS A 285 -20.72 -8.34 24.07
N GLY A 286 -20.35 -7.07 24.21
CA GLY A 286 -19.01 -6.65 23.86
C GLY A 286 -18.88 -6.13 22.46
N ARG A 287 -19.92 -5.45 21.98
CA ARG A 287 -19.90 -4.91 20.64
C ARG A 287 -19.53 -3.44 20.60
N GLY A 288 -19.33 -2.82 21.76
CA GLY A 288 -18.86 -1.46 21.80
C GLY A 288 -19.93 -0.44 22.08
N VAL A 289 -19.70 0.81 21.64
CA VAL A 289 -20.62 1.90 21.92
C VAL A 289 -21.89 1.80 21.09
N THR A 290 -21.91 0.99 20.04
CA THR A 290 -23.13 0.81 19.26
C THR A 290 -24.17 -0.03 19.98
N GLU A 291 -23.74 -0.94 20.85
CA GLU A 291 -24.71 -1.70 21.63
C GLU A 291 -25.04 -1.00 22.93
N HIS A 292 -24.12 -0.16 23.43
CA HIS A 292 -24.38 0.59 24.66
C HIS A 292 -25.48 1.62 24.46
N TYR A 293 -25.58 2.20 23.28
CA TYR A 293 -26.59 3.20 23.01
C TYR A 293 -27.85 2.63 22.37
N GLY A 294 -27.85 1.35 22.01
CA GLY A 294 -29.04 0.74 21.47
C GLY A 294 -29.42 1.21 20.08
N ILE A 295 -28.45 1.56 19.26
CA ILE A 295 -28.71 1.98 17.90
C ILE A 295 -28.26 0.88 16.94
N ASN A 296 -28.74 0.95 15.70
CA ASN A 296 -28.43 -0.07 14.72
C ASN A 296 -27.00 0.09 14.23
N ILE A 297 -26.34 -1.06 14.02
CA ILE A 297 -24.96 -1.07 13.54
C ILE A 297 -24.90 -0.56 12.10
N ASP A 298 -25.98 -0.74 11.34
CA ASP A 298 -26.05 -0.32 9.95
C ASP A 298 -26.05 1.19 9.77
N ASP A 299 -26.25 1.96 10.84
CA ASP A 299 -26.18 3.41 10.73
C ASP A 299 -24.74 3.90 10.67
N ILE A 300 -23.81 3.17 11.25
CA ILE A 300 -22.40 3.56 11.20
C ILE A 300 -21.77 2.89 9.99
N ASP A 301 -21.03 3.68 9.21
CA ASP A 301 -20.61 3.23 7.89
C ASP A 301 -19.28 2.49 7.90
N LEU A 302 -18.49 2.64 8.96
CA LEU A 302 -17.22 1.92 9.05
C LEU A 302 -16.80 1.84 10.51
N ILE A 303 -16.92 0.68 11.12
CA ILE A 303 -16.49 0.46 12.49
C ILE A 303 -15.09 -0.11 12.43
N SER A 304 -14.10 0.69 12.78
CA SER A 304 -12.73 0.21 12.91
C SER A 304 -12.46 -0.10 14.37
N ALA A 305 -11.49 -0.97 14.62
CA ALA A 305 -11.06 -1.33 15.95
C ALA A 305 -9.64 -1.89 15.86
N ASN A 306 -9.16 -2.47 16.94
CA ASN A 306 -7.94 -3.25 16.88
C ASN A 306 -8.03 -4.44 17.83
N MET A 307 -7.41 -5.55 17.41
CA MET A 307 -7.42 -6.78 18.18
C MET A 307 -6.33 -6.81 19.23
N GLU A 308 -5.66 -5.68 19.48
CA GLU A 308 -4.57 -5.61 20.43
C GLU A 308 -5.03 -5.38 21.86
N ASN A 309 -6.07 -4.59 22.05
CA ASN A 309 -6.66 -4.34 23.36
C ASN A 309 -7.80 -5.33 23.52
N ALA A 310 -7.90 -5.93 24.71
CA ALA A 310 -9.04 -6.76 25.13
C ALA A 310 -9.22 -8.02 24.27
N LEU A 311 -8.22 -8.38 23.47
CA LEU A 311 -8.19 -9.65 22.77
C LEU A 311 -6.85 -10.36 22.83
N ALA A 312 -5.79 -9.67 23.26
CA ALA A 312 -4.43 -10.22 23.43
C ALA A 312 -3.90 -10.79 22.12
N SER A 313 -4.10 -10.06 21.04
CA SER A 313 -3.62 -10.48 19.74
C SER A 313 -2.98 -9.27 19.07
N ILE A 314 -2.67 -9.39 17.79
CA ILE A 314 -2.07 -8.33 17.00
C ILE A 314 -2.97 -8.04 15.81
N GLY A 315 -3.18 -6.78 15.51
CA GLY A 315 -3.84 -6.41 14.28
C GLY A 315 -5.12 -5.68 14.54
N GLY A 316 -5.84 -5.39 13.47
CA GLY A 316 -7.08 -4.66 13.59
C GLY A 316 -8.01 -4.98 12.44
N PHE A 317 -9.30 -4.95 12.73
CA PHE A 317 -10.31 -5.18 11.72
C PHE A 317 -11.03 -3.88 11.42
N CYS A 318 -11.77 -3.86 10.32
CA CYS A 318 -12.72 -2.79 10.02
C CYS A 318 -13.97 -3.44 9.44
N CYS A 319 -14.96 -3.70 10.28
CA CYS A 319 -16.18 -4.31 9.81
C CYS A 319 -17.12 -3.27 9.24
N GLY A 320 -18.04 -3.72 8.39
CA GLY A 320 -19.00 -2.81 7.82
C GLY A 320 -19.77 -3.49 6.70
N ARG A 321 -20.58 -2.69 6.02
CA ARG A 321 -21.39 -3.19 4.92
C ARG A 321 -20.49 -3.47 3.73
N SER A 322 -20.87 -4.47 2.91
CA SER A 322 -19.97 -4.88 1.83
C SER A 322 -19.90 -3.89 0.68
N PHE A 323 -20.69 -2.83 0.68
CA PHE A 323 -20.46 -1.75 -0.27
C PHE A 323 -19.16 -1.00 0.04
N VAL A 324 -18.77 -0.95 1.31
CA VAL A 324 -17.60 -0.15 1.69
C VAL A 324 -16.38 -0.99 2.03
N ILE A 325 -16.55 -2.25 2.45
CA ILE A 325 -15.39 -3.01 2.92
C ILE A 325 -14.61 -3.57 1.74
N ASP A 326 -15.29 -3.87 0.64
CA ASP A 326 -14.63 -4.40 -0.55
C ASP A 326 -13.63 -3.44 -1.18
N HIS A 327 -13.77 -2.14 -0.98
CA HIS A 327 -12.88 -1.19 -1.62
C HIS A 327 -11.53 -1.10 -0.91
N GLN A 328 -11.46 -1.49 0.35
CA GLN A 328 -10.19 -1.48 1.05
C GLN A 328 -9.31 -2.68 0.72
N ARG A 329 -9.67 -3.49 -0.27
CA ARG A 329 -8.82 -4.58 -0.70
C ARG A 329 -8.00 -4.21 -1.94
N LEU A 330 -8.52 -3.34 -2.79
CA LEU A 330 -7.80 -2.88 -3.96
C LEU A 330 -7.09 -1.56 -3.74
N SER A 331 -7.38 -0.87 -2.65
CA SER A 331 -6.71 0.39 -2.35
C SER A 331 -6.42 0.57 -0.87
N GLY A 332 -6.30 -0.51 -0.11
CA GLY A 332 -6.14 -0.38 1.33
C GLY A 332 -4.78 0.12 1.74
N GLN A 333 -3.79 0.01 0.84
CA GLN A 333 -2.49 0.68 0.86
C GLN A 333 -1.54 0.11 1.91
N GLY A 334 -2.04 -0.69 2.84
CA GLY A 334 -1.22 -1.39 3.79
C GLY A 334 -1.72 -2.81 3.90
N TYR A 335 -2.90 -3.01 3.31
CA TYR A 335 -3.48 -4.34 3.20
C TYR A 335 -2.83 -5.14 2.10
N CYS A 336 -2.51 -4.48 0.98
CA CYS A 336 -1.98 -5.13 -0.20
C CYS A 336 -0.52 -4.76 -0.47
N PHE A 337 0.23 -4.37 0.55
CA PHE A 337 1.65 -4.13 0.37
C PHE A 337 2.49 -4.67 1.52
N SER A 338 1.87 -5.33 2.50
CA SER A 338 2.57 -5.89 3.63
C SER A 338 2.16 -7.35 3.80
N ALA A 339 2.92 -8.09 4.60
CA ALA A 339 2.57 -9.48 4.86
C ALA A 339 1.32 -9.53 5.71
N SER A 340 0.61 -10.64 5.59
CA SER A 340 -0.66 -10.79 6.27
C SER A 340 -0.42 -11.17 7.72
N LEU A 341 -1.50 -11.28 8.45
CA LEU A 341 -1.44 -11.55 9.88
C LEU A 341 -1.00 -13.00 10.09
N PRO A 342 0.02 -13.24 10.90
CA PRO A 342 0.52 -14.61 11.10
C PRO A 342 -0.53 -15.50 11.72
N PRO A 343 -0.56 -16.78 11.34
CA PRO A 343 -1.73 -17.61 11.67
C PRO A 343 -1.81 -18.01 13.13
N LEU A 344 -0.73 -17.92 13.90
CA LEU A 344 -0.86 -18.21 15.32
C LEU A 344 -1.53 -17.04 16.03
N LEU A 345 -1.40 -15.83 15.49
CA LEU A 345 -2.08 -14.67 16.05
C LEU A 345 -3.54 -14.65 15.66
N ALA A 346 -3.90 -15.29 14.55
CA ALA A 346 -5.29 -15.32 14.13
C ALA A 346 -6.09 -16.35 14.91
N ALA A 347 -5.48 -17.48 15.25
CA ALA A 347 -6.17 -18.49 16.03
C ALA A 347 -6.40 -18.07 17.47
N ALA A 348 -5.50 -17.25 18.02
CA ALA A 348 -5.74 -16.69 19.34
C ALA A 348 -6.90 -15.72 19.33
N ALA A 349 -7.14 -15.05 18.19
CA ALA A 349 -8.27 -14.16 18.08
C ALA A 349 -9.58 -14.91 17.89
N ILE A 350 -9.55 -16.12 17.32
CA ILE A 350 -10.77 -16.89 17.21
C ILE A 350 -11.17 -17.44 18.57
N GLU A 351 -10.20 -17.91 19.35
CA GLU A 351 -10.49 -18.43 20.67
C GLU A 351 -10.87 -17.33 21.66
N ALA A 352 -10.33 -16.13 21.49
CA ALA A 352 -10.80 -14.99 22.26
C ALA A 352 -12.23 -14.62 21.88
N LEU A 353 -12.60 -14.80 20.61
CA LEU A 353 -13.99 -14.60 20.21
C LEU A 353 -14.90 -15.67 20.75
N ASN A 354 -14.37 -16.86 21.04
CA ASN A 354 -15.21 -17.91 21.58
C ASN A 354 -15.50 -17.68 23.06
N ILE A 355 -14.54 -17.15 23.80
CA ILE A 355 -14.75 -16.90 25.22
C ILE A 355 -15.70 -15.73 25.40
N MET A 356 -15.61 -14.71 24.55
CA MET A 356 -16.50 -13.56 24.64
C MET A 356 -17.93 -13.89 24.27
N GLU A 357 -18.16 -14.93 23.46
CA GLU A 357 -19.52 -15.32 23.11
C GLU A 357 -20.11 -16.36 24.03
N GLU A 358 -19.29 -17.28 24.56
CA GLU A 358 -19.84 -18.39 25.32
C GLU A 358 -19.96 -18.04 26.80
N ASN A 359 -19.30 -16.96 27.24
CA ASN A 359 -19.46 -16.43 28.59
C ASN A 359 -19.61 -14.92 28.49
N PRO A 360 -20.83 -14.41 28.21
CA PRO A 360 -21.02 -12.96 28.12
C PRO A 360 -21.19 -12.26 29.46
N GLY A 361 -20.95 -12.92 30.57
CA GLY A 361 -21.03 -12.28 31.88
C GLY A 361 -19.74 -11.66 32.35
N ILE A 362 -18.65 -11.81 31.58
CA ILE A 362 -17.40 -11.18 31.95
C ILE A 362 -17.44 -9.69 31.68
N PHE A 363 -18.29 -9.26 30.73
CA PHE A 363 -18.45 -7.85 30.46
C PHE A 363 -19.23 -7.14 31.54
N ALA A 364 -19.91 -7.88 32.41
CA ALA A 364 -20.67 -7.30 33.50
C ALA A 364 -19.79 -7.03 34.71
N VAL A 365 -18.86 -7.93 35.02
CA VAL A 365 -17.99 -7.72 36.17
C VAL A 365 -16.85 -6.77 35.87
N LEU A 366 -16.61 -6.44 34.60
CA LEU A 366 -15.68 -5.37 34.30
C LEU A 366 -16.34 -4.02 34.51
N LYS A 367 -17.67 -3.97 34.43
CA LYS A 367 -18.38 -2.71 34.56
C LYS A 367 -18.40 -2.22 35.99
N GLU A 368 -18.87 -3.05 36.92
CA GLU A 368 -18.96 -2.62 38.30
C GLU A 368 -17.61 -2.60 39.01
N LYS A 369 -16.59 -3.23 38.41
CA LYS A 369 -15.24 -3.05 38.93
C LYS A 369 -14.67 -1.71 38.55
N CYS A 370 -15.16 -1.13 37.44
CA CYS A 370 -14.88 0.28 37.16
C CYS A 370 -15.67 1.19 38.08
N GLY A 371 -16.75 0.70 38.65
CA GLY A 371 -17.50 1.45 39.64
C GLY A 371 -16.95 1.37 41.04
N GLN A 372 -15.73 0.87 41.20
CA GLN A 372 -15.10 0.76 42.50
C GLN A 372 -13.67 1.30 42.52
N ILE A 373 -13.03 1.45 41.36
CA ILE A 373 -11.75 2.14 41.28
C ILE A 373 -11.93 3.61 40.91
N HIS A 374 -13.09 3.99 40.38
CA HIS A 374 -13.42 5.37 40.08
C HIS A 374 -14.16 6.07 41.20
N LYS A 375 -15.08 5.38 41.87
CA LYS A 375 -15.81 5.97 42.98
C LYS A 375 -14.91 6.17 44.19
N ALA A 376 -14.01 5.22 44.45
CA ALA A 376 -13.17 5.23 45.63
C ALA A 376 -11.87 6.00 45.42
N LEU A 377 -11.82 6.88 44.43
CA LEU A 377 -10.60 7.60 44.10
C LEU A 377 -10.78 9.11 44.08
N GLN A 378 -11.95 9.62 43.68
CA GLN A 378 -12.18 11.05 43.63
C GLN A 378 -12.24 11.64 45.02
N GLY A 379 -12.02 12.95 45.12
CA GLY A 379 -12.11 13.64 46.39
C GLY A 379 -10.78 13.81 47.09
N ILE A 380 -9.69 13.67 46.33
CA ILE A 380 -8.35 13.76 46.89
C ILE A 380 -7.67 15.01 46.38
N SER A 381 -6.66 15.46 47.12
CA SER A 381 -5.96 16.70 46.82
C SER A 381 -4.78 16.43 45.91
N GLY A 382 -4.54 17.32 44.96
CA GLY A 382 -3.36 17.23 44.11
C GLY A 382 -3.64 16.91 42.66
N LEU A 383 -4.56 15.99 42.41
CA LEU A 383 -4.83 15.52 41.04
C LEU A 383 -6.29 15.19 40.83
N LYS A 384 -6.77 15.27 39.58
CA LYS A 384 -8.18 15.08 39.28
C LYS A 384 -8.38 13.89 38.35
N VAL A 385 -9.54 13.25 38.49
CA VAL A 385 -9.89 12.06 37.73
C VAL A 385 -10.68 12.48 36.50
N VAL A 386 -10.08 12.31 35.32
CA VAL A 386 -10.70 12.86 34.13
C VAL A 386 -11.22 11.78 33.18
N GLY A 387 -11.40 10.57 33.70
CA GLY A 387 -12.06 9.54 32.93
C GLY A 387 -13.47 9.28 33.42
N GLU A 388 -14.29 8.63 32.62
CA GLU A 388 -15.66 8.38 33.07
C GLU A 388 -15.74 7.09 33.87
N SER A 389 -16.87 6.91 34.53
CA SER A 389 -17.13 5.73 35.34
C SER A 389 -17.36 4.48 34.51
N LEU A 390 -17.60 4.61 33.20
CA LEU A 390 -17.85 3.47 32.35
C LEU A 390 -16.61 3.00 31.61
N SER A 391 -15.71 3.91 31.27
CA SER A 391 -14.46 3.58 30.59
C SER A 391 -13.53 2.82 31.52
N PRO A 392 -12.90 1.75 31.04
CA PRO A 392 -11.92 1.03 31.86
C PRO A 392 -10.53 1.62 31.88
N ALA A 393 -10.21 2.52 30.96
CA ALA A 393 -8.90 3.15 30.91
C ALA A 393 -9.05 4.61 31.28
N PHE A 394 -8.55 4.98 32.45
CA PHE A 394 -8.68 6.33 32.97
C PHE A 394 -7.62 7.25 32.37
N HIS A 395 -7.60 8.45 32.91
CA HIS A 395 -6.42 9.28 33.02
C HIS A 395 -6.46 9.91 34.39
N LEU A 396 -5.31 10.14 34.98
CA LEU A 396 -5.30 10.62 36.35
C LEU A 396 -4.35 11.81 36.45
N GLN A 397 -4.57 12.78 35.56
CA GLN A 397 -3.72 13.96 35.46
C GLN A 397 -3.90 14.85 36.69
N LEU A 398 -3.00 15.82 36.81
CA LEU A 398 -2.90 16.61 38.03
C LEU A 398 -3.54 17.96 37.83
N GLU A 399 -4.31 18.39 38.83
CA GLU A 399 -4.84 19.74 38.88
C GLU A 399 -3.80 20.67 39.48
N GLU A 400 -4.07 21.97 39.36
CA GLU A 400 -3.14 23.05 39.70
C GLU A 400 -1.80 22.84 38.98
N SER A 401 -1.90 22.91 37.67
CA SER A 401 -0.75 22.60 36.82
C SER A 401 0.31 23.68 36.95
N THR A 402 1.57 23.24 36.86
CA THR A 402 2.72 24.12 36.97
C THR A 402 2.98 24.86 35.65
N GLY A 403 4.19 25.36 35.50
CA GLY A 403 4.53 26.20 34.37
C GLY A 403 4.95 25.35 33.20
N SER A 404 6.26 25.17 33.01
CA SER A 404 6.79 24.31 31.97
C SER A 404 6.25 22.89 32.10
N ARG A 405 6.06 22.24 30.95
CA ARG A 405 5.52 20.89 30.94
C ARG A 405 6.57 19.86 31.31
N GLU A 406 7.83 20.07 30.92
CA GLU A 406 8.86 19.06 31.17
C GLU A 406 9.15 18.93 32.66
N GLN A 407 9.00 20.00 33.42
CA GLN A 407 9.01 19.88 34.87
C GLN A 407 7.74 19.21 35.38
N ASP A 408 6.60 19.50 34.75
CA ASP A 408 5.33 18.94 35.17
C ASP A 408 5.26 17.44 34.89
N VAL A 409 5.91 16.99 33.81
CA VAL A 409 6.05 15.56 33.56
C VAL A 409 6.94 14.93 34.62
N ARG A 410 8.01 15.64 35.00
CA ARG A 410 8.97 15.11 35.96
C ARG A 410 8.35 14.98 37.36
N LEU A 411 7.48 15.92 37.73
CA LEU A 411 6.80 15.83 39.02
C LEU A 411 5.83 14.67 39.06
N LEU A 412 5.19 14.39 37.93
CA LEU A 412 4.19 13.32 37.85
C LEU A 412 4.85 11.96 37.75
N GLN A 413 6.09 11.91 37.29
CA GLN A 413 6.84 10.66 37.23
C GLN A 413 7.19 10.16 38.62
N GLU A 414 7.27 11.08 39.60
CA GLU A 414 7.59 10.70 40.97
C GLU A 414 6.48 9.88 41.61
N ILE A 415 5.23 10.15 41.26
CA ILE A 415 4.11 9.41 41.83
C ILE A 415 4.15 7.95 41.37
N VAL A 416 4.47 7.73 40.10
CA VAL A 416 4.59 6.37 39.58
C VAL A 416 5.80 5.67 40.15
N ASP A 417 6.92 6.39 40.24
CA ASP A 417 8.19 5.77 40.60
C ASP A 417 8.27 5.42 42.08
N GLN A 418 7.70 6.27 42.94
CA GLN A 418 7.62 5.93 44.36
C GLN A 418 6.65 4.81 44.64
N CYS A 419 5.67 4.59 43.78
CA CYS A 419 4.64 3.58 44.01
C CYS A 419 5.01 2.23 43.42
N MET A 420 5.99 2.17 42.51
CA MET A 420 6.50 0.89 42.04
C MET A 420 7.25 0.13 43.13
N ASN A 421 7.75 0.83 44.15
CA ASN A 421 8.30 0.16 45.32
C ASN A 421 7.23 -0.47 46.20
N ARG A 422 5.96 -0.14 45.98
CA ARG A 422 4.88 -0.67 46.80
C ARG A 422 4.06 -1.70 46.04
N SER A 423 4.72 -2.39 45.10
CA SER A 423 4.15 -3.50 44.32
C SER A 423 2.93 -3.09 43.50
N ILE A 424 2.81 -1.82 43.17
CA ILE A 424 1.71 -1.31 42.35
C ILE A 424 2.33 -0.58 41.17
N ALA A 425 2.32 -1.22 40.02
CA ALA A 425 2.91 -0.65 38.81
C ALA A 425 1.87 0.18 38.07
N LEU A 426 2.30 1.33 37.56
CA LEU A 426 1.45 2.17 36.74
C LEU A 426 2.25 2.59 35.52
N THR A 427 1.69 3.53 34.77
CA THR A 427 2.33 4.10 33.61
C THR A 427 2.27 5.62 33.66
N GLN A 428 2.65 6.25 32.55
CA GLN A 428 2.81 7.70 32.60
C GLN A 428 2.29 8.39 31.34
N ALA A 429 1.71 7.64 30.39
CA ALA A 429 0.99 8.16 29.22
C ALA A 429 1.86 9.05 28.35
N ARG A 430 2.84 8.42 27.71
CA ARG A 430 3.75 9.12 26.80
C ARG A 430 3.01 9.62 25.56
N TYR A 431 3.50 10.74 25.02
CA TYR A 431 2.97 11.36 23.82
C TYR A 431 4.12 11.83 22.94
N LEU A 432 3.79 12.38 21.78
CA LEU A 432 4.74 13.15 20.97
C LEU A 432 4.41 14.61 21.15
N GLU A 433 5.44 15.44 21.34
CA GLU A 433 5.20 16.84 21.67
C GLU A 433 4.85 17.65 20.43
N LYS A 434 5.76 17.69 19.45
CA LYS A 434 5.64 18.57 18.31
C LYS A 434 5.06 17.87 17.08
N GLU A 435 4.26 16.82 17.29
CA GLU A 435 3.69 16.10 16.16
C GLU A 435 2.20 15.86 16.36
N GLU A 436 1.74 15.91 17.61
CA GLU A 436 0.42 15.40 17.94
C GLU A 436 -0.71 16.38 17.58
N LYS A 437 -0.39 17.65 17.35
CA LYS A 437 -1.24 18.67 16.71
C LYS A 437 -2.41 19.14 17.60
N CYS A 438 -2.71 18.41 18.68
CA CYS A 438 -3.55 18.90 19.77
C CYS A 438 -3.25 18.01 20.97
N LEU A 439 -2.40 18.50 21.88
CA LEU A 439 -1.90 17.44 22.75
C LEU A 439 -2.36 17.64 24.18
N PRO A 440 -2.79 16.57 24.85
CA PRO A 440 -3.41 16.68 26.17
C PRO A 440 -2.38 17.00 27.24
N PRO A 441 -2.82 17.36 28.45
CA PRO A 441 -1.86 17.58 29.56
C PRO A 441 -1.21 16.28 29.99
N PRO A 442 -0.10 16.35 30.73
CA PRO A 442 0.53 15.13 31.23
C PRO A 442 -0.36 14.43 32.25
N SER A 443 -0.49 13.12 32.10
CA SER A 443 -1.39 12.33 32.89
C SER A 443 -0.71 11.02 33.28
N ILE A 444 -1.41 10.19 34.05
CA ILE A 444 -1.05 8.79 34.24
C ILE A 444 -2.31 7.98 34.04
N ARG A 445 -2.14 6.72 33.63
CA ARG A 445 -3.29 5.87 33.36
C ARG A 445 -3.43 4.77 34.39
N VAL A 446 -4.66 4.52 34.80
CA VAL A 446 -5.00 3.42 35.67
C VAL A 446 -5.96 2.52 34.90
N VAL A 447 -5.47 1.37 34.47
CA VAL A 447 -6.22 0.45 33.64
C VAL A 447 -6.53 -0.80 34.45
N VAL A 448 -7.81 -1.16 34.52
CA VAL A 448 -8.26 -2.28 35.33
C VAL A 448 -8.67 -3.43 34.44
N THR A 449 -8.51 -4.64 34.94
CA THR A 449 -8.82 -5.88 34.23
C THR A 449 -9.96 -6.58 34.95
N VAL A 450 -10.30 -7.79 34.50
CA VAL A 450 -11.24 -8.60 35.27
C VAL A 450 -10.50 -9.46 36.27
N GLU A 451 -9.20 -9.65 36.09
CA GLU A 451 -8.40 -10.41 37.05
C GLU A 451 -7.71 -9.49 38.05
N GLN A 452 -8.51 -8.64 38.69
CA GLN A 452 -7.99 -7.69 39.66
C GLN A 452 -8.19 -8.12 41.10
N THR A 453 -9.25 -8.90 41.39
CA THR A 453 -9.47 -9.55 42.70
C THR A 453 -9.54 -8.52 43.83
N GLU A 454 -10.68 -7.85 43.88
CA GLU A 454 -10.98 -6.55 44.50
C GLU A 454 -10.22 -6.17 45.77
N GLU A 455 -9.94 -7.15 46.63
CA GLU A 455 -9.24 -6.85 47.88
C GLU A 455 -7.82 -6.35 47.64
N GLU A 456 -7.20 -6.72 46.53
CA GLU A 456 -5.96 -6.05 46.13
C GLU A 456 -6.18 -5.00 45.05
N LEU A 457 -7.44 -4.72 44.69
CA LEU A 457 -7.73 -3.51 43.93
C LEU A 457 -7.94 -2.32 44.87
N GLU A 458 -8.61 -2.54 46.00
CA GLU A 458 -8.82 -1.46 46.96
C GLU A 458 -7.54 -1.06 47.66
N ARG A 459 -6.55 -1.97 47.71
CA ARG A 459 -5.20 -1.60 48.12
C ARG A 459 -4.59 -0.60 47.16
N ALA A 460 -4.89 -0.72 45.86
CA ALA A 460 -4.28 0.15 44.87
C ALA A 460 -4.91 1.55 44.88
N ALA A 461 -6.17 1.66 45.31
CA ALA A 461 -6.73 2.99 45.52
C ALA A 461 -6.16 3.63 46.78
N SER A 462 -5.83 2.82 47.79
CA SER A 462 -5.31 3.35 49.05
C SER A 462 -3.88 3.83 48.89
N THR A 463 -3.04 3.05 48.20
CA THR A 463 -1.64 3.41 48.08
C THR A 463 -1.39 4.53 47.09
N ILE A 464 -2.37 4.88 46.26
CA ILE A 464 -2.19 5.99 45.33
C ILE A 464 -2.85 7.26 45.86
N LYS A 465 -3.67 7.15 46.91
CA LYS A 465 -4.03 8.33 47.69
C LYS A 465 -2.88 8.75 48.61
N GLU A 466 -2.18 7.77 49.18
CA GLU A 466 -1.06 7.99 50.09
C GLU A 466 0.14 8.69 49.45
N VAL A 467 0.51 8.30 48.24
CA VAL A 467 1.71 8.83 47.62
C VAL A 467 1.43 10.09 46.79
N ALA A 468 0.16 10.35 46.44
CA ALA A 468 -0.20 11.58 45.75
C ALA A 468 -0.13 12.80 46.66
N GLN A 469 -0.17 12.62 47.98
CA GLN A 469 -0.08 13.76 48.88
C GLN A 469 1.31 13.92 49.48
N ALA A 470 2.11 12.86 49.50
CA ALA A 470 3.47 12.94 49.99
C ALA A 470 4.46 13.45 48.95
N VAL A 471 3.99 13.78 47.75
CA VAL A 471 4.85 14.29 46.69
C VAL A 471 4.40 15.70 46.33
N LEU A 472 3.10 15.90 46.22
CA LEU A 472 2.56 17.16 45.73
C LEU A 472 2.38 18.16 46.85
N ILE B 45 39.48 -6.67 -8.18
CA ILE B 45 38.86 -5.40 -8.54
C ILE B 45 38.36 -5.51 -9.97
N HIS B 46 37.15 -5.03 -10.24
CA HIS B 46 36.60 -5.21 -11.58
C HIS B 46 36.42 -3.91 -12.35
N HIS B 47 35.66 -2.96 -11.83
CA HIS B 47 35.31 -1.73 -12.53
C HIS B 47 35.43 -0.54 -11.61
N VAL B 48 35.98 0.56 -12.11
CA VAL B 48 36.14 1.78 -11.32
C VAL B 48 35.41 2.88 -12.10
N THR B 49 34.25 2.53 -12.67
CA THR B 49 33.73 3.01 -13.96
C THR B 49 33.89 4.48 -14.30
N GLN B 50 33.10 5.37 -13.70
CA GLN B 50 33.39 6.79 -13.86
C GLN B 50 33.23 7.59 -12.58
N ASN B 51 32.23 7.23 -11.76
CA ASN B 51 31.88 8.02 -10.58
C ASN B 51 32.73 7.67 -9.37
N GLY B 52 33.61 6.68 -9.48
CA GLY B 52 34.36 6.18 -8.35
C GLY B 52 33.83 4.88 -7.80
N GLY B 53 32.78 4.32 -8.39
CA GLY B 53 32.23 3.07 -7.92
C GLY B 53 33.13 1.89 -8.18
N LEU B 54 33.56 1.21 -7.12
CA LEU B 54 34.54 0.15 -7.22
C LEU B 54 33.80 -1.19 -7.08
N TYR B 55 33.72 -1.93 -8.19
CA TYR B 55 33.11 -3.24 -8.20
C TYR B 55 34.16 -4.31 -7.94
N LYS B 56 33.90 -5.17 -6.97
CA LYS B 56 34.77 -6.31 -6.69
C LYS B 56 34.50 -7.48 -7.61
N ARG B 57 33.25 -7.78 -7.87
CA ARG B 57 32.82 -8.84 -8.75
C ARG B 57 32.33 -8.25 -10.07
N PRO B 58 32.19 -9.07 -11.12
CA PRO B 58 31.47 -8.60 -12.30
C PRO B 58 29.99 -8.43 -12.00
N PHE B 59 29.34 -7.50 -12.70
CA PHE B 59 27.97 -7.15 -12.37
C PHE B 59 26.95 -7.89 -13.24
N ASN B 60 26.94 -7.63 -14.55
CA ASN B 60 26.25 -8.41 -15.58
C ASN B 60 24.73 -8.48 -15.36
N GLU B 61 24.06 -7.34 -15.55
CA GLU B 61 22.62 -7.32 -15.69
C GLU B 61 22.25 -7.17 -17.16
N ALA B 62 20.96 -7.37 -17.46
CA ALA B 62 20.48 -7.30 -18.84
C ALA B 62 18.98 -7.09 -18.87
N PHE B 63 18.55 -5.93 -19.36
CA PHE B 63 17.15 -5.61 -19.60
C PHE B 63 16.96 -5.64 -21.11
N GLU B 64 16.22 -6.62 -21.62
CA GLU B 64 16.10 -6.76 -23.06
C GLU B 64 14.89 -6.00 -23.58
N GLU B 65 15.09 -5.27 -24.68
CA GLU B 65 14.08 -4.35 -25.20
C GLU B 65 12.98 -5.13 -25.90
N THR B 66 11.74 -4.66 -25.71
CA THR B 66 10.58 -5.41 -26.20
C THR B 66 10.44 -5.28 -27.72
N PRO B 67 10.00 -6.33 -28.40
CA PRO B 67 9.97 -6.30 -29.87
C PRO B 67 8.90 -5.37 -30.41
N MET B 68 9.04 -5.06 -31.70
CA MET B 68 8.10 -4.14 -32.33
C MET B 68 6.77 -4.82 -32.61
N LEU B 69 6.82 -6.04 -33.15
CA LEU B 69 5.59 -6.76 -33.53
C LEU B 69 4.74 -7.10 -32.32
N VAL B 70 5.37 -7.42 -31.19
CA VAL B 70 4.61 -7.76 -29.99
C VAL B 70 3.99 -6.50 -29.39
N ALA B 71 4.74 -5.39 -29.41
CA ALA B 71 4.26 -4.17 -28.76
C ALA B 71 3.21 -3.44 -29.57
N VAL B 72 2.85 -3.94 -30.76
CA VAL B 72 1.67 -3.43 -31.43
C VAL B 72 0.45 -4.25 -31.02
N LEU B 73 0.62 -5.55 -30.88
CA LEU B 73 -0.48 -6.46 -30.56
C LEU B 73 -1.00 -6.31 -29.15
N THR B 74 -0.20 -5.75 -28.23
CA THR B 74 -0.68 -5.56 -26.86
C THR B 74 -1.72 -4.46 -26.79
N TYR B 75 -1.53 -3.36 -27.53
CA TYR B 75 -2.47 -2.26 -27.49
C TYR B 75 -3.80 -2.61 -28.13
N VAL B 76 -3.83 -3.60 -29.02
CA VAL B 76 -5.11 -4.08 -29.52
C VAL B 76 -5.82 -4.85 -28.42
N GLY B 77 -5.06 -5.56 -27.57
CA GLY B 77 -5.68 -6.27 -26.46
C GLY B 77 -6.25 -5.35 -25.42
N TYR B 78 -5.50 -4.32 -25.04
CA TYR B 78 -6.03 -3.25 -24.21
C TYR B 78 -7.07 -2.41 -24.93
N GLY B 79 -7.07 -2.42 -26.26
CA GLY B 79 -8.08 -1.67 -26.98
C GLY B 79 -9.43 -2.34 -26.95
N VAL B 80 -9.46 -3.67 -27.12
CA VAL B 80 -10.74 -4.36 -27.13
C VAL B 80 -11.29 -4.55 -25.73
N LEU B 81 -10.48 -4.34 -24.68
CA LEU B 81 -11.02 -4.42 -23.32
C LEU B 81 -11.61 -3.10 -22.89
N THR B 82 -10.98 -1.98 -23.26
CA THR B 82 -11.60 -0.71 -22.97
C THR B 82 -12.77 -0.42 -23.89
N LEU B 83 -12.85 -1.07 -25.05
CA LEU B 83 -14.00 -0.89 -25.92
C LEU B 83 -15.23 -1.58 -25.33
N PHE B 84 -15.12 -2.86 -25.01
CA PHE B 84 -16.14 -3.56 -24.26
C PHE B 84 -16.24 -3.10 -22.82
N GLY B 85 -15.25 -2.35 -22.32
CA GLY B 85 -15.41 -1.72 -21.02
C GLY B 85 -16.47 -0.63 -21.04
N TYR B 86 -16.44 0.24 -22.05
CA TYR B 86 -17.48 1.25 -22.17
C TYR B 86 -18.78 0.66 -22.67
N LEU B 87 -18.73 -0.45 -23.40
CA LEU B 87 -19.96 -1.08 -23.86
C LEU B 87 -20.70 -1.75 -22.71
N ARG B 88 -19.96 -2.41 -21.81
CA ARG B 88 -20.60 -3.03 -20.66
C ARG B 88 -21.09 -2.00 -19.66
N ASP B 89 -20.31 -0.94 -19.44
CA ASP B 89 -20.72 0.10 -18.50
C ASP B 89 -21.89 0.92 -19.04
N PHE B 90 -22.09 0.91 -20.35
CA PHE B 90 -23.30 1.51 -20.90
C PHE B 90 -24.54 0.68 -20.55
N LEU B 91 -24.44 -0.64 -20.63
CA LEU B 91 -25.60 -1.51 -20.46
C LEU B 91 -26.05 -1.65 -19.01
N ARG B 92 -25.44 -0.91 -18.08
CA ARG B 92 -25.83 -0.93 -16.68
C ARG B 92 -26.72 0.25 -16.32
N TYR B 93 -27.39 0.84 -17.29
CA TYR B 93 -28.38 1.88 -17.06
C TYR B 93 -29.78 1.32 -16.84
N TRP B 94 -29.90 0.01 -16.66
CA TRP B 94 -31.21 -0.59 -16.47
C TRP B 94 -31.11 -1.72 -15.47
N ARG B 95 -32.21 -1.97 -14.77
CA ARG B 95 -32.29 -3.05 -13.80
C ARG B 95 -33.73 -3.51 -13.65
N CYS B 99 -23.21 -11.41 -11.67
CA CYS B 99 -22.74 -10.12 -12.18
C CYS B 99 -23.37 -8.99 -11.39
N HIS B 100 -23.88 -9.32 -10.21
CA HIS B 100 -24.61 -8.34 -9.41
C HIS B 100 -23.63 -7.39 -8.73
N HIS B 101 -24.09 -6.16 -8.54
CA HIS B 101 -23.26 -5.08 -8.03
C HIS B 101 -23.39 -4.96 -6.52
N ALA B 102 -22.82 -3.89 -5.99
CA ALA B 102 -22.69 -3.75 -4.55
C ALA B 102 -23.89 -3.09 -3.90
N THR B 103 -24.61 -2.23 -4.64
CA THR B 103 -25.86 -1.58 -4.22
C THR B 103 -25.72 -0.75 -2.96
N GLU B 104 -25.14 0.45 -3.09
CA GLU B 104 -25.26 1.55 -2.14
C GLU B 104 -26.63 1.59 -1.48
N ARG B 105 -26.62 1.65 -0.15
CA ARG B 105 -27.81 1.45 0.68
C ARG B 105 -28.88 2.48 0.36
N GLU B 106 -30.12 2.05 0.35
CA GLU B 106 -31.21 2.84 -0.20
C GLU B 106 -32.11 3.40 0.89
N GLU B 107 -32.12 2.81 2.08
CA GLU B 107 -33.11 3.05 3.11
C GLU B 107 -33.14 4.49 3.61
N GLN B 108 -32.06 4.96 4.23
CA GLN B 108 -31.96 6.40 4.43
C GLN B 108 -30.57 6.83 3.99
N LYS B 109 -30.42 6.95 2.67
CA LYS B 109 -29.21 7.40 1.98
C LYS B 109 -29.65 8.06 0.68
N ASP B 110 -28.80 8.00 -0.35
CA ASP B 110 -28.69 8.85 -1.54
C ASP B 110 -28.18 10.22 -1.13
N PHE B 111 -27.02 10.22 -0.47
CA PHE B 111 -26.16 11.38 -0.30
C PHE B 111 -25.31 11.50 -1.56
N VAL B 112 -24.21 12.25 -1.49
CA VAL B 112 -23.21 12.20 -2.55
C VAL B 112 -22.66 10.78 -2.67
N SER B 113 -22.54 10.30 -3.91
CA SER B 113 -22.09 8.94 -4.18
C SER B 113 -20.67 8.73 -3.69
N LEU B 114 -20.43 7.57 -3.08
CA LEU B 114 -19.23 7.36 -2.27
C LEU B 114 -17.99 7.22 -3.13
N TYR B 115 -18.10 6.61 -4.30
CA TYR B 115 -16.93 6.31 -5.11
C TYR B 115 -16.97 7.09 -6.42
N GLN B 116 -15.80 7.42 -6.94
CA GLN B 116 -15.70 7.81 -8.33
C GLN B 116 -15.87 6.57 -9.21
N ASP B 117 -16.92 6.56 -10.03
CA ASP B 117 -17.21 5.40 -10.84
C ASP B 117 -16.21 5.22 -11.97
N PHE B 118 -15.67 6.30 -12.52
CA PHE B 118 -14.67 6.17 -13.57
C PHE B 118 -13.35 5.65 -13.04
N GLU B 119 -13.03 5.89 -11.77
CA GLU B 119 -11.81 5.34 -11.21
C GLU B 119 -11.93 3.88 -10.83
N ASN B 120 -13.13 3.31 -10.87
CA ASN B 120 -13.31 1.87 -10.70
C ASN B 120 -13.33 1.13 -12.03
N PHE B 121 -12.68 1.65 -13.05
CA PHE B 121 -12.83 1.08 -14.37
C PHE B 121 -12.03 -0.21 -14.52
N TYR B 122 -10.74 -0.15 -14.20
CA TYR B 122 -9.88 -1.32 -14.34
C TYR B 122 -10.18 -2.41 -13.34
N THR B 123 -10.79 -2.09 -12.19
CA THR B 123 -11.07 -3.09 -11.19
C THR B 123 -12.33 -3.89 -11.50
N ARG B 124 -13.03 -3.56 -12.59
CA ARG B 124 -14.20 -4.32 -13.00
C ARG B 124 -14.17 -4.74 -14.45
N ASN B 125 -13.25 -4.23 -15.27
CA ASN B 125 -13.19 -4.57 -16.68
C ASN B 125 -11.90 -5.20 -17.12
N LEU B 126 -10.83 -5.09 -16.35
CA LEU B 126 -9.60 -5.82 -16.63
C LEU B 126 -9.13 -6.64 -15.45
N TYR B 127 -9.58 -6.32 -14.24
CA TYR B 127 -9.19 -7.08 -13.06
C TYR B 127 -10.19 -8.19 -12.77
N MET B 128 -11.47 -7.81 -12.69
CA MET B 128 -12.57 -8.74 -12.40
C MET B 128 -12.67 -9.87 -13.42
N ARG B 129 -12.21 -9.65 -14.65
CA ARG B 129 -12.23 -10.68 -15.67
C ARG B 129 -11.29 -11.82 -15.32
N ILE B 130 -10.13 -11.51 -14.74
CA ILE B 130 -9.10 -12.50 -14.50
C ILE B 130 -8.59 -12.50 -13.07
N ARG B 131 -9.44 -12.19 -12.11
CA ARG B 131 -9.02 -12.19 -10.71
C ARG B 131 -9.13 -13.55 -10.06
N ASP B 132 -9.35 -14.62 -10.83
CA ASP B 132 -9.40 -15.95 -10.23
C ASP B 132 -8.03 -16.44 -9.79
N ASN B 133 -6.95 -15.79 -10.23
CA ASN B 133 -5.63 -16.03 -9.69
C ASN B 133 -5.19 -14.83 -8.84
N TRP B 134 -4.03 -14.99 -8.21
CA TRP B 134 -3.47 -14.17 -7.12
C TRP B 134 -4.49 -13.79 -6.05
N ASN B 135 -5.35 -14.70 -5.66
CA ASN B 135 -6.06 -14.53 -4.40
C ASN B 135 -6.23 -15.88 -3.70
N ARG B 136 -5.44 -16.88 -4.06
CA ARG B 136 -5.77 -18.27 -3.83
C ARG B 136 -5.64 -18.66 -2.37
N PRO B 137 -6.70 -19.17 -1.74
CA PRO B 137 -6.57 -19.65 -0.36
C PRO B 137 -5.77 -20.93 -0.28
N ILE B 138 -4.78 -20.93 0.60
CA ILE B 138 -3.96 -22.10 0.83
C ILE B 138 -4.19 -22.57 2.26
N CYS B 139 -3.87 -23.82 2.52
CA CYS B 139 -4.26 -24.45 3.78
C CYS B 139 -3.12 -25.30 4.33
N SER B 140 -1.89 -24.90 4.06
CA SER B 140 -0.73 -25.64 4.56
C SER B 140 0.41 -24.65 4.76
N VAL B 141 1.57 -25.17 5.12
CA VAL B 141 2.73 -24.32 5.36
C VAL B 141 3.27 -23.84 4.02
N PRO B 142 3.42 -22.54 3.81
CA PRO B 142 3.94 -22.05 2.53
C PRO B 142 5.43 -22.31 2.35
N GLY B 143 5.81 -23.57 2.13
CA GLY B 143 7.19 -23.91 1.88
C GLY B 143 7.48 -24.10 0.41
N ALA B 144 7.99 -25.29 0.05
CA ALA B 144 8.21 -25.61 -1.35
C ALA B 144 6.96 -26.21 -1.97
N ARG B 145 6.22 -27.00 -1.21
CA ARG B 145 4.98 -27.58 -1.66
C ARG B 145 3.84 -27.08 -0.79
N VAL B 146 2.76 -26.63 -1.43
CA VAL B 146 1.68 -25.88 -0.80
C VAL B 146 0.36 -26.52 -1.19
N ASP B 147 -0.50 -26.75 -0.20
CA ASP B 147 -1.82 -27.31 -0.44
C ASP B 147 -2.83 -26.18 -0.64
N ILE B 148 -3.30 -26.01 -1.88
CA ILE B 148 -4.14 -24.88 -2.27
C ILE B 148 -5.58 -25.35 -2.35
N MET B 149 -6.49 -24.61 -1.71
CA MET B 149 -7.91 -24.90 -1.84
C MET B 149 -8.40 -24.58 -3.25
N GLU B 150 -9.29 -25.42 -3.78
CA GLU B 150 -9.81 -25.26 -5.12
C GLU B 150 -11.15 -24.54 -5.09
N ARG B 151 -11.31 -23.57 -5.98
CA ARG B 151 -12.52 -22.78 -6.08
C ARG B 151 -12.83 -22.50 -7.55
N GLN B 152 -14.10 -22.28 -7.85
CA GLN B 152 -14.52 -21.89 -9.19
C GLN B 152 -15.60 -20.84 -9.08
N SER B 153 -15.90 -20.20 -10.20
CA SER B 153 -16.89 -19.13 -10.25
C SER B 153 -18.01 -19.50 -11.21
N HIS B 154 -19.23 -19.53 -10.70
CA HIS B 154 -20.42 -19.58 -11.52
C HIS B 154 -20.90 -18.19 -11.93
N ASP B 155 -20.20 -17.15 -11.47
CA ASP B 155 -20.66 -15.78 -11.62
C ASP B 155 -19.75 -14.97 -12.54
N TYR B 156 -18.83 -15.65 -13.23
CA TYR B 156 -17.73 -15.06 -13.99
C TYR B 156 -16.92 -14.10 -13.12
N ASN B 157 -16.42 -14.67 -12.02
CA ASN B 157 -15.50 -14.07 -11.05
C ASN B 157 -16.08 -12.85 -10.33
N TRP B 158 -17.40 -12.69 -10.33
CA TRP B 158 -18.00 -11.70 -9.45
C TRP B 158 -18.16 -12.25 -8.04
N SER B 159 -18.30 -13.56 -7.90
CA SER B 159 -18.32 -14.20 -6.59
C SER B 159 -17.79 -15.62 -6.75
N PHE B 160 -17.07 -16.10 -5.73
CA PHE B 160 -16.47 -17.43 -5.75
C PHE B 160 -17.16 -18.33 -4.74
N LYS B 161 -16.79 -19.61 -4.80
CA LYS B 161 -17.35 -20.62 -3.92
C LYS B 161 -16.38 -21.78 -3.83
N TYR B 162 -16.11 -22.23 -2.60
CA TYR B 162 -15.12 -23.27 -2.34
C TYR B 162 -15.82 -24.63 -2.46
N THR B 163 -15.31 -25.50 -3.33
CA THR B 163 -16.14 -26.65 -3.64
C THR B 163 -16.01 -27.77 -2.60
N GLY B 164 -14.92 -28.53 -2.65
CA GLY B 164 -14.62 -29.48 -1.60
C GLY B 164 -13.15 -29.82 -1.49
N ASN B 165 -12.34 -29.27 -2.38
CA ASN B 165 -11.06 -29.87 -2.71
C ASN B 165 -9.89 -29.18 -2.03
N ILE B 166 -8.77 -29.90 -2.00
CA ILE B 166 -7.47 -29.38 -1.62
C ILE B 166 -6.49 -29.88 -2.65
N ILE B 167 -5.98 -28.98 -3.50
CA ILE B 167 -5.07 -29.34 -4.57
C ILE B 167 -3.73 -29.66 -3.92
N LYS B 168 -3.45 -30.94 -3.72
CA LYS B 168 -2.32 -31.36 -2.92
C LYS B 168 -1.01 -31.23 -3.69
N GLY B 169 0.04 -30.82 -2.98
CA GLY B 169 1.39 -30.85 -3.49
C GLY B 169 1.68 -29.94 -4.66
N VAL B 170 1.35 -28.65 -4.53
CA VAL B 170 1.65 -27.67 -5.56
C VAL B 170 2.98 -27.03 -5.22
N ILE B 171 3.95 -27.20 -6.11
CA ILE B 171 5.16 -26.38 -6.04
C ILE B 171 4.76 -24.93 -6.30
N ASN B 172 4.91 -24.09 -5.28
CA ASN B 172 4.70 -22.66 -5.49
C ASN B 172 6.03 -22.00 -5.83
N MET B 173 5.95 -20.95 -6.63
CA MET B 173 7.12 -20.13 -6.90
C MET B 173 6.76 -18.66 -6.70
N GLY B 174 5.75 -18.40 -5.89
CA GLY B 174 5.32 -17.04 -5.67
C GLY B 174 5.41 -16.53 -4.25
N SER B 175 5.93 -17.34 -3.33
CA SER B 175 6.03 -16.94 -1.93
C SER B 175 7.45 -16.56 -1.57
N TYR B 176 7.58 -15.78 -0.49
CA TYR B 176 8.83 -15.16 -0.08
C TYR B 176 9.49 -16.04 0.99
N ASN B 177 10.16 -17.08 0.52
CA ASN B 177 10.70 -18.11 1.40
C ASN B 177 12.12 -18.47 0.99
N TYR B 178 12.99 -17.46 0.92
CA TYR B 178 14.31 -17.59 0.27
C TYR B 178 15.17 -18.62 0.96
N LEU B 179 15.53 -18.39 2.22
CA LEU B 179 16.35 -19.35 2.95
C LEU B 179 15.58 -20.57 3.42
N GLY B 180 14.26 -20.56 3.31
CA GLY B 180 13.50 -21.74 3.68
C GLY B 180 13.38 -21.98 5.16
N PHE B 181 13.06 -20.94 5.94
CA PHE B 181 12.78 -21.12 7.35
C PHE B 181 11.30 -21.18 7.65
N ALA B 182 10.46 -21.54 6.68
CA ALA B 182 9.02 -21.64 6.91
C ALA B 182 8.63 -23.10 6.81
N ARG B 183 8.68 -23.79 7.94
CA ARG B 183 8.26 -25.18 8.01
C ARG B 183 7.68 -25.44 9.38
N ASN B 184 6.85 -26.47 9.48
CA ASN B 184 6.21 -26.83 10.73
C ASN B 184 6.94 -27.93 11.48
N THR B 185 8.14 -28.30 11.04
CA THR B 185 8.95 -29.30 11.70
C THR B 185 10.25 -28.67 12.18
N GLY B 186 11.16 -29.50 12.64
CA GLY B 186 12.50 -29.04 12.98
C GLY B 186 12.56 -28.31 14.31
N SER B 187 13.79 -28.20 14.81
CA SER B 187 14.06 -27.53 16.07
C SER B 187 14.22 -26.03 15.91
N CYS B 188 14.03 -25.50 14.70
CA CYS B 188 14.04 -24.05 14.51
C CYS B 188 12.80 -23.41 15.09
N GLN B 189 11.62 -23.97 14.78
CA GLN B 189 10.38 -23.47 15.34
C GLN B 189 9.92 -24.26 16.56
N GLU B 190 10.73 -25.18 17.06
CA GLU B 190 10.42 -25.85 18.32
C GLU B 190 10.61 -24.90 19.50
N ALA B 191 11.55 -23.97 19.38
CA ALA B 191 11.79 -23.01 20.44
C ALA B 191 10.76 -21.89 20.46
N ALA B 192 10.03 -21.69 19.35
CA ALA B 192 8.96 -20.69 19.34
C ALA B 192 7.74 -21.15 20.14
N ALA B 193 7.47 -22.45 20.19
CA ALA B 193 6.34 -22.95 20.96
C ALA B 193 6.62 -22.90 22.45
N LYS B 194 7.89 -22.90 22.85
CA LYS B 194 8.24 -22.79 24.26
C LYS B 194 7.94 -21.41 24.79
N VAL B 195 8.11 -20.39 23.94
CA VAL B 195 7.79 -19.02 24.31
C VAL B 195 6.28 -18.81 24.34
N LEU B 196 5.54 -19.47 23.44
CA LEU B 196 4.10 -19.24 23.35
C LEU B 196 3.37 -19.90 24.51
N GLU B 197 3.94 -20.94 25.10
CA GLU B 197 3.33 -21.56 26.28
C GLU B 197 3.73 -20.87 27.57
N GLU B 198 4.51 -19.80 27.50
CA GLU B 198 4.89 -19.03 28.68
C GLU B 198 4.34 -17.61 28.66
N TYR B 199 4.70 -16.81 27.66
CA TYR B 199 4.38 -15.39 27.61
C TYR B 199 2.91 -15.15 27.27
N GLY B 200 2.43 -15.83 26.25
CA GLY B 200 1.12 -15.54 25.71
C GLY B 200 1.25 -15.21 24.24
N ALA B 201 0.18 -14.78 23.61
CA ALA B 201 0.17 -14.56 22.18
C ALA B 201 0.05 -13.08 21.86
N GLY B 202 0.81 -12.24 22.55
CA GLY B 202 0.82 -10.84 22.22
C GLY B 202 0.94 -9.91 23.41
N VAL B 203 1.84 -8.93 23.30
CA VAL B 203 1.93 -7.89 24.33
C VAL B 203 0.69 -7.02 24.26
N CYS B 204 0.10 -6.74 25.42
CA CYS B 204 -1.05 -5.85 25.47
C CYS B 204 -0.67 -4.44 25.86
N SER B 205 0.34 -3.87 25.21
CA SER B 205 0.88 -2.57 25.60
C SER B 205 1.81 -2.06 24.52
N THR B 206 2.49 -0.94 24.81
CA THR B 206 3.35 -0.24 23.89
C THR B 206 4.76 -0.23 24.48
N ARG B 207 5.77 0.04 23.65
CA ARG B 207 7.17 -0.03 24.07
C ARG B 207 7.49 0.95 25.19
N GLN B 208 7.08 2.22 25.05
CA GLN B 208 7.39 3.19 26.09
C GLN B 208 6.50 3.06 27.31
N GLU B 209 5.43 2.26 27.20
CA GLU B 209 4.58 1.90 28.32
C GLU B 209 5.18 0.70 29.03
N ILE B 210 4.35 -0.02 29.80
CA ILE B 210 4.80 -1.23 30.49
C ILE B 210 5.34 -2.27 29.51
N GLY B 211 4.66 -2.49 28.37
CA GLY B 211 5.08 -3.58 27.52
C GLY B 211 6.40 -3.43 26.82
N ASN B 212 7.40 -4.06 27.41
CA ASN B 212 8.77 -4.09 26.89
C ASN B 212 9.39 -5.31 27.56
N LEU B 213 9.46 -6.41 26.84
CA LEU B 213 9.87 -7.63 27.48
C LEU B 213 11.38 -7.79 27.40
N ASP B 214 11.89 -8.81 28.08
CA ASP B 214 13.29 -9.16 27.94
C ASP B 214 13.60 -9.77 26.59
N LYS B 215 12.58 -10.25 25.87
CA LYS B 215 12.78 -10.75 24.52
C LYS B 215 13.11 -9.63 23.56
N HIS B 216 12.54 -8.44 23.76
CA HIS B 216 12.73 -7.35 22.82
C HIS B 216 14.13 -6.76 22.92
N GLU B 217 14.67 -6.63 24.14
CA GLU B 217 16.04 -6.20 24.30
C GLU B 217 17.03 -7.28 23.85
N GLU B 218 16.61 -8.55 23.92
CA GLU B 218 17.46 -9.63 23.45
C GLU B 218 17.53 -9.68 21.93
N LEU B 219 16.43 -9.32 21.25
CA LEU B 219 16.42 -9.33 19.79
C LEU B 219 17.25 -8.18 19.22
N GLU B 220 17.07 -6.97 19.76
CA GLU B 220 17.72 -5.78 19.23
C GLU B 220 19.23 -5.84 19.37
N GLU B 221 19.73 -6.57 20.36
CA GLU B 221 21.17 -6.82 20.45
C GLU B 221 21.61 -7.83 19.41
N LEU B 222 20.73 -8.74 19.01
CA LEU B 222 21.11 -9.79 18.07
C LEU B 222 21.16 -9.27 16.65
N VAL B 223 20.26 -8.35 16.29
CA VAL B 223 20.24 -7.80 14.94
C VAL B 223 21.46 -6.91 14.72
N ALA B 224 21.91 -6.21 15.76
CA ALA B 224 23.05 -5.31 15.64
C ALA B 224 24.35 -6.07 15.38
N ARG B 225 24.53 -7.24 15.99
CA ARG B 225 25.69 -8.05 15.68
C ARG B 225 25.58 -8.74 14.34
N PHE B 226 24.35 -9.03 13.89
CA PHE B 226 24.17 -9.77 12.65
C PHE B 226 24.45 -8.90 11.44
N LEU B 227 23.98 -7.65 11.46
CA LEU B 227 24.27 -6.72 10.38
C LEU B 227 25.72 -6.28 10.43
N GLY B 228 26.22 -5.99 11.62
CA GLY B 228 27.50 -5.37 11.79
C GLY B 228 27.44 -3.90 12.15
N VAL B 229 26.36 -3.43 12.74
CA VAL B 229 26.21 -2.03 13.10
C VAL B 229 26.10 -1.92 14.62
N GLU B 230 25.95 -0.70 15.12
CA GLU B 230 26.07 -0.47 16.55
C GLU B 230 24.77 -0.78 17.29
N ALA B 231 23.64 -0.29 16.78
CA ALA B 231 22.36 -0.53 17.42
C ALA B 231 21.29 -0.71 16.36
N ALA B 232 20.14 -1.23 16.78
CA ALA B 232 19.00 -1.44 15.90
C ALA B 232 17.73 -1.43 16.74
N MET B 233 16.59 -1.38 16.06
CA MET B 233 15.31 -1.37 16.75
C MET B 233 14.28 -2.13 15.93
N ALA B 234 13.65 -3.13 16.54
CA ALA B 234 12.71 -3.98 15.84
C ALA B 234 11.29 -3.46 15.98
N TYR B 235 10.55 -3.51 14.87
CA TYR B 235 9.23 -2.91 14.78
C TYR B 235 8.19 -4.00 14.53
N GLY B 236 6.92 -3.58 14.49
CA GLY B 236 5.83 -4.53 14.49
C GLY B 236 5.57 -5.18 13.14
N MET B 237 5.48 -4.37 12.08
CA MET B 237 5.48 -4.90 10.73
C MET B 237 6.33 -4.01 9.86
N GLY B 238 6.75 -4.54 8.71
CA GLY B 238 7.71 -3.89 7.86
C GLY B 238 7.20 -2.70 7.08
N PHE B 239 5.93 -2.74 6.69
CA PHE B 239 5.34 -1.59 6.02
C PHE B 239 5.23 -0.41 6.98
N ALA B 240 4.98 -0.67 8.24
CA ALA B 240 4.84 0.35 9.26
C ALA B 240 6.18 0.73 9.88
N THR B 241 7.28 0.22 9.33
CA THR B 241 8.59 0.72 9.68
C THR B 241 8.97 1.92 8.83
N ASN B 242 8.80 1.82 7.52
CA ASN B 242 9.07 2.95 6.65
C ASN B 242 8.02 4.03 6.77
N SER B 243 6.77 3.65 7.01
CA SER B 243 5.69 4.63 7.03
C SER B 243 5.63 5.40 8.34
N MET B 244 6.42 5.00 9.33
CA MET B 244 6.42 5.69 10.59
C MET B 244 7.80 6.08 11.10
N ASN B 245 8.82 6.05 10.25
CA ASN B 245 10.13 6.54 10.66
C ASN B 245 10.76 7.52 9.69
N ILE B 246 10.48 7.42 8.40
CA ILE B 246 10.86 8.45 7.43
C ILE B 246 10.28 9.82 7.80
N PRO B 247 9.04 9.97 8.31
CA PRO B 247 8.68 11.30 8.85
C PRO B 247 9.35 11.66 10.16
N ALA B 248 10.12 10.78 10.79
CA ALA B 248 10.90 11.17 11.95
C ALA B 248 12.31 11.62 11.57
N LEU B 249 12.83 11.18 10.44
CA LEU B 249 14.15 11.62 9.98
C LEU B 249 14.08 13.00 9.32
N VAL B 250 13.39 13.12 8.19
CA VAL B 250 13.32 14.37 7.45
C VAL B 250 12.15 15.20 7.95
N GLY B 251 12.29 16.51 7.85
CA GLY B 251 11.29 17.43 8.35
C GLY B 251 10.63 18.25 7.27
N LYS B 252 10.62 19.58 7.44
CA LYS B 252 9.86 20.44 6.56
C LYS B 252 10.66 20.85 5.32
N GLY B 253 11.89 21.30 5.50
CA GLY B 253 12.64 21.83 4.38
C GLY B 253 13.68 20.90 3.80
N CYS B 254 13.43 19.61 3.82
CA CYS B 254 14.37 18.61 3.35
C CYS B 254 14.08 18.28 1.90
N LEU B 255 14.78 17.27 1.39
CA LEU B 255 14.58 16.76 0.04
C LEU B 255 14.83 15.27 -0.01
N ILE B 256 13.96 14.57 -0.71
CA ILE B 256 14.03 13.12 -0.83
C ILE B 256 14.20 12.77 -2.30
N LEU B 257 15.33 12.14 -2.63
CA LEU B 257 15.58 11.66 -3.99
C LEU B 257 15.25 10.19 -4.00
N SER B 258 14.01 9.85 -4.32
CA SER B 258 13.61 8.46 -4.38
C SER B 258 13.64 7.95 -5.81
N ASP B 259 13.72 6.63 -5.93
CA ASP B 259 13.78 5.95 -7.22
C ASP B 259 12.40 5.96 -7.86
N GLU B 260 12.33 5.49 -9.12
CA GLU B 260 11.04 5.43 -9.81
C GLU B 260 10.10 4.44 -9.14
N LEU B 261 10.60 3.26 -8.82
CA LEU B 261 9.81 2.21 -8.21
C LEU B 261 10.51 1.78 -6.92
N ASN B 262 10.01 2.28 -5.80
CA ASN B 262 10.52 1.76 -4.52
C ASN B 262 9.56 0.70 -3.99
N HIS B 263 8.40 1.13 -3.52
CA HIS B 263 7.38 0.32 -2.87
C HIS B 263 6.33 1.33 -2.45
N ALA B 264 5.22 0.85 -1.90
CA ALA B 264 4.32 1.77 -1.25
C ALA B 264 4.82 2.16 0.14
N SER B 265 5.82 1.46 0.67
CA SER B 265 6.36 1.80 1.98
C SER B 265 7.13 3.10 1.93
N LEU B 266 8.14 3.17 1.05
CA LEU B 266 9.00 4.33 0.96
C LEU B 266 8.32 5.51 0.28
N VAL B 267 7.20 5.28 -0.39
CA VAL B 267 6.44 6.40 -0.94
C VAL B 267 5.57 7.03 0.14
N LEU B 268 4.80 6.21 0.86
CA LEU B 268 3.91 6.72 1.91
C LEU B 268 4.71 7.30 3.07
N GLY B 269 5.90 6.76 3.33
CA GLY B 269 6.76 7.37 4.32
C GLY B 269 7.30 8.71 3.88
N ALA B 270 7.30 8.97 2.57
CA ALA B 270 7.76 10.25 2.07
C ALA B 270 6.64 11.26 1.91
N ARG B 271 5.38 10.81 1.81
CA ARG B 271 4.26 11.74 1.74
C ARG B 271 3.92 12.30 3.11
N LEU B 272 4.23 11.56 4.18
CA LEU B 272 3.86 12.00 5.51
C LEU B 272 4.84 13.03 6.05
N SER B 273 6.09 12.98 5.64
CA SER B 273 7.03 14.05 5.92
C SER B 273 6.89 15.08 4.82
N GLY B 274 6.46 16.29 5.17
CA GLY B 274 6.32 17.32 4.17
C GLY B 274 7.67 17.75 3.63
N ALA B 275 7.99 17.26 2.45
CA ALA B 275 9.32 17.44 1.88
C ALA B 275 9.20 17.23 0.38
N THR B 276 10.08 17.89 -0.37
CA THR B 276 10.05 17.80 -1.81
C THR B 276 10.54 16.42 -2.22
N ILE B 277 9.83 15.77 -3.14
CA ILE B 277 10.16 14.44 -3.59
C ILE B 277 10.50 14.52 -5.08
N ARG B 278 11.74 14.22 -5.41
CA ARG B 278 12.19 14.22 -6.79
C ARG B 278 12.55 12.81 -7.20
N ILE B 279 12.04 12.37 -8.34
CA ILE B 279 12.18 11.00 -8.80
C ILE B 279 13.34 10.93 -9.77
N PHE B 280 14.26 10.01 -9.55
CA PHE B 280 15.27 9.70 -10.56
C PHE B 280 14.97 8.34 -11.17
N LYS B 281 15.57 8.09 -12.32
CA LYS B 281 15.25 6.89 -13.09
C LYS B 281 15.85 5.64 -12.44
N HIS B 282 15.28 4.50 -12.78
CA HIS B 282 15.62 3.22 -12.16
C HIS B 282 17.03 2.79 -12.56
N ASN B 283 17.94 2.76 -11.57
CA ASN B 283 19.34 2.38 -11.74
C ASN B 283 20.01 3.19 -12.84
N ASN B 284 19.86 4.50 -12.77
CA ASN B 284 20.48 5.39 -13.74
C ASN B 284 21.32 6.37 -12.94
N MET B 285 22.60 6.04 -12.75
CA MET B 285 23.49 6.87 -11.96
C MET B 285 23.82 8.20 -12.62
N GLN B 286 23.59 8.33 -13.93
CA GLN B 286 23.72 9.61 -14.59
C GLN B 286 22.53 10.51 -14.31
N SER B 287 21.38 9.93 -13.99
CA SER B 287 20.21 10.71 -13.62
C SER B 287 20.05 10.88 -12.13
N LEU B 288 20.74 10.07 -11.32
CA LEU B 288 20.83 10.38 -9.90
C LEU B 288 21.76 11.56 -9.67
N GLU B 289 22.90 11.58 -10.36
CA GLU B 289 23.89 12.63 -10.19
C GLU B 289 23.38 13.97 -10.68
N LYS B 290 22.61 13.98 -11.77
CA LYS B 290 22.14 15.23 -12.33
C LYS B 290 21.05 15.87 -11.48
N LEU B 291 20.20 15.07 -10.84
CA LEU B 291 19.29 15.65 -9.85
C LEU B 291 20.01 16.05 -8.58
N LEU B 292 21.10 15.39 -8.26
CA LEU B 292 21.80 15.68 -7.02
C LEU B 292 22.72 16.87 -7.20
N LYS B 293 23.22 17.09 -8.41
CA LYS B 293 23.98 18.30 -8.69
C LYS B 293 23.05 19.50 -8.78
N ASP B 294 21.90 19.35 -9.44
CA ASP B 294 20.96 20.47 -9.55
C ASP B 294 20.13 20.68 -8.30
N ALA B 295 20.34 19.89 -7.25
CA ALA B 295 19.71 20.19 -5.98
C ALA B 295 20.53 21.15 -5.15
N ILE B 296 21.85 20.99 -5.15
CA ILE B 296 22.74 21.81 -4.35
C ILE B 296 22.89 23.21 -4.94
N VAL B 297 23.10 23.33 -6.26
CA VAL B 297 23.34 24.64 -6.85
C VAL B 297 22.06 25.41 -7.13
N TYR B 298 20.91 24.87 -6.75
CA TYR B 298 19.64 25.57 -6.70
C TYR B 298 19.09 25.43 -5.28
N GLY B 299 17.83 25.79 -5.12
CA GLY B 299 17.28 25.67 -3.78
C GLY B 299 15.89 25.08 -3.76
N GLN B 300 15.02 25.63 -2.91
CA GLN B 300 13.61 25.35 -2.99
C GLN B 300 13.04 25.91 -4.29
N PRO B 301 11.85 25.46 -4.70
CA PRO B 301 11.27 26.08 -5.91
C PRO B 301 10.82 27.52 -5.71
N ARG B 302 10.30 27.88 -4.53
CA ARG B 302 9.84 29.25 -4.34
C ARG B 302 10.99 30.19 -3.98
N THR B 303 11.60 29.98 -2.83
CA THR B 303 12.78 30.73 -2.41
C THR B 303 14.02 29.93 -2.74
N ARG B 304 15.17 30.61 -2.76
CA ARG B 304 16.41 29.97 -3.13
C ARG B 304 17.34 29.74 -1.94
N ARG B 305 16.78 29.37 -0.80
CA ARG B 305 17.58 28.95 0.35
C ARG B 305 18.23 27.59 0.05
N PRO B 306 19.29 27.23 0.78
CA PRO B 306 19.84 25.88 0.61
C PRO B 306 18.90 24.82 1.19
N TRP B 307 19.12 23.56 0.77
CA TRP B 307 18.35 22.48 1.35
C TRP B 307 18.83 22.20 2.77
N LYS B 308 17.88 21.83 3.61
CA LYS B 308 18.19 21.60 5.01
C LYS B 308 18.99 20.32 5.20
N LYS B 309 18.56 19.23 4.57
CA LYS B 309 19.32 18.01 4.43
C LYS B 309 18.70 17.25 3.26
N ILE B 310 19.47 16.37 2.65
CA ILE B 310 18.98 15.53 1.55
C ILE B 310 19.33 14.08 1.86
N LEU B 311 18.40 13.17 1.57
CA LEU B 311 18.68 11.75 1.66
C LEU B 311 18.13 11.03 0.43
N ILE B 312 18.63 9.82 0.23
CA ILE B 312 18.37 9.02 -0.96
C ILE B 312 17.67 7.74 -0.53
N LEU B 313 16.50 7.47 -1.09
CA LEU B 313 15.76 6.26 -0.78
C LEU B 313 15.99 5.26 -1.91
N VAL B 314 16.79 4.23 -1.65
CA VAL B 314 16.99 3.14 -2.59
C VAL B 314 16.77 1.83 -1.85
N GLU B 315 16.64 0.74 -2.61
CA GLU B 315 16.38 -0.57 -2.05
C GLU B 315 17.45 -1.54 -2.53
N GLY B 316 17.58 -2.65 -1.81
CA GLY B 316 18.53 -3.67 -2.18
C GLY B 316 18.16 -4.39 -3.46
N ILE B 317 17.13 -5.22 -3.41
CA ILE B 317 16.59 -5.88 -4.59
C ILE B 317 15.23 -5.28 -4.82
N TYR B 318 15.01 -4.75 -6.01
CA TYR B 318 13.66 -4.31 -6.36
C TYR B 318 12.82 -5.55 -6.64
N SER B 319 11.61 -5.58 -6.11
CA SER B 319 10.79 -6.78 -6.16
C SER B 319 10.36 -7.10 -7.59
N MET B 320 9.59 -6.21 -8.19
CA MET B 320 9.27 -6.33 -9.59
C MET B 320 10.52 -6.00 -10.38
N GLU B 321 10.65 -6.63 -11.57
CA GLU B 321 11.80 -6.59 -12.47
C GLU B 321 13.14 -6.67 -11.73
N GLY B 322 13.36 -7.80 -11.05
CA GLY B 322 14.33 -7.91 -9.98
C GLY B 322 15.77 -7.59 -10.29
N SER B 323 16.20 -6.40 -9.88
CA SER B 323 17.48 -5.84 -10.28
C SER B 323 18.18 -5.28 -9.06
N ILE B 324 19.40 -5.74 -8.80
CA ILE B 324 20.18 -5.25 -7.69
C ILE B 324 20.64 -3.83 -8.00
N VAL B 325 20.52 -2.94 -7.01
CA VAL B 325 20.89 -1.54 -7.19
C VAL B 325 22.40 -1.43 -7.34
N ARG B 326 22.85 -0.45 -8.12
CA ARG B 326 24.29 -0.26 -8.33
C ARG B 326 24.85 0.47 -7.11
N LEU B 327 25.12 -0.29 -6.08
CA LEU B 327 25.37 0.28 -4.77
C LEU B 327 26.76 0.89 -4.59
N PRO B 328 27.87 0.37 -5.14
CA PRO B 328 29.13 1.13 -5.03
C PRO B 328 29.17 2.40 -5.84
N GLU B 329 28.31 2.57 -6.83
CA GLU B 329 28.19 3.85 -7.50
C GLU B 329 27.18 4.78 -6.83
N VAL B 330 26.72 4.44 -5.64
CA VAL B 330 25.94 5.34 -4.80
C VAL B 330 26.72 5.73 -3.54
N ILE B 331 27.52 4.80 -3.01
CA ILE B 331 28.39 5.10 -1.88
C ILE B 331 29.45 6.12 -2.27
N ALA B 332 30.08 5.93 -3.43
CA ALA B 332 31.10 6.87 -3.87
C ALA B 332 30.50 8.11 -4.50
N LEU B 333 29.18 8.21 -4.55
CA LEU B 333 28.52 9.42 -5.03
C LEU B 333 27.97 10.26 -3.89
N LYS B 334 27.53 9.64 -2.80
CA LYS B 334 27.05 10.39 -1.64
C LYS B 334 28.16 10.98 -0.80
N LYS B 335 29.40 10.53 -0.96
CA LYS B 335 30.52 11.18 -0.31
C LYS B 335 31.00 12.39 -1.08
N LYS B 336 30.59 12.54 -2.33
CA LYS B 336 30.95 13.67 -3.16
C LYS B 336 29.97 14.81 -3.04
N TYR B 337 28.72 14.54 -2.67
CA TYR B 337 27.68 15.55 -2.56
C TYR B 337 27.13 15.68 -1.15
N LYS B 338 27.73 14.96 -0.20
CA LYS B 338 27.40 15.01 1.24
C LYS B 338 25.93 14.67 1.52
N ALA B 339 25.35 13.77 0.75
CA ALA B 339 23.96 13.37 1.00
C ALA B 339 23.89 12.22 1.99
N TYR B 340 22.68 11.78 2.26
CA TYR B 340 22.44 10.64 3.13
C TYR B 340 21.83 9.50 2.33
N LEU B 341 21.97 8.28 2.86
CA LEU B 341 21.53 7.09 2.15
C LEU B 341 20.59 6.29 3.03
N TYR B 342 19.48 5.84 2.48
CA TYR B 342 18.49 5.04 3.19
C TYR B 342 18.38 3.72 2.45
N LEU B 343 19.16 2.73 2.85
CA LEU B 343 19.13 1.45 2.14
C LEU B 343 17.98 0.63 2.72
N ASP B 344 17.32 -0.14 1.86
CA ASP B 344 16.13 -0.88 2.24
C ASP B 344 16.32 -2.36 1.89
N GLU B 345 16.88 -3.13 2.84
CA GLU B 345 17.14 -4.55 2.62
C GLU B 345 15.90 -5.38 2.88
N ALA B 346 14.90 -5.21 2.03
CA ALA B 346 13.70 -6.03 2.15
C ALA B 346 13.96 -7.45 1.64
N HIS B 347 14.27 -7.58 0.36
CA HIS B 347 14.57 -8.87 -0.24
C HIS B 347 16.05 -9.23 -0.11
N SER B 348 16.86 -8.31 0.36
CA SER B 348 18.31 -8.42 0.28
C SER B 348 18.91 -9.30 1.38
N ILE B 349 18.44 -9.14 2.62
CA ILE B 349 19.05 -9.82 3.74
C ILE B 349 18.70 -11.31 3.69
N GLY B 350 19.67 -12.14 4.06
CA GLY B 350 19.52 -13.57 4.02
C GLY B 350 19.79 -14.19 2.66
N ALA B 351 19.59 -13.45 1.58
CA ALA B 351 19.69 -14.02 0.24
C ALA B 351 21.01 -13.72 -0.45
N LEU B 352 21.44 -12.46 -0.49
CA LEU B 352 22.56 -12.07 -1.32
C LEU B 352 23.87 -12.19 -0.55
N GLY B 353 24.91 -12.63 -1.25
CA GLY B 353 26.22 -12.76 -0.68
C GLY B 353 26.37 -14.07 0.07
N PRO B 354 27.58 -14.62 0.12
CA PRO B 354 27.83 -15.77 1.00
C PRO B 354 27.76 -15.33 2.44
N THR B 355 27.37 -16.28 3.31
CA THR B 355 26.83 -16.07 4.67
C THR B 355 25.98 -14.81 4.75
N GLY B 356 24.93 -14.81 3.92
CA GLY B 356 24.19 -13.63 3.50
C GLY B 356 23.65 -12.68 4.54
N ARG B 357 24.23 -11.49 4.57
CA ARG B 357 23.82 -10.42 5.48
C ARG B 357 23.43 -9.18 4.69
N GLY B 358 22.91 -9.38 3.50
CA GLY B 358 22.39 -8.29 2.70
C GLY B 358 23.23 -8.03 1.47
N VAL B 359 22.92 -6.90 0.82
CA VAL B 359 23.64 -6.51 -0.39
C VAL B 359 24.93 -5.77 -0.05
N VAL B 360 25.09 -5.32 1.19
CA VAL B 360 26.30 -4.59 1.56
C VAL B 360 27.49 -5.53 1.68
N GLU B 361 27.24 -6.76 2.14
CA GLU B 361 28.30 -7.77 2.10
C GLU B 361 28.50 -8.29 0.68
N TYR B 362 27.48 -8.16 -0.16
CA TYR B 362 27.52 -8.73 -1.51
C TYR B 362 28.51 -8.01 -2.41
N PHE B 363 28.65 -6.70 -2.25
CA PHE B 363 29.68 -5.96 -2.98
C PHE B 363 31.00 -5.86 -2.23
N GLY B 364 31.07 -6.37 -1.00
CA GLY B 364 32.28 -6.24 -0.23
C GLY B 364 32.48 -4.90 0.44
N LEU B 365 31.41 -4.26 0.91
CA LEU B 365 31.53 -2.99 1.59
C LEU B 365 31.38 -3.15 3.10
N ASP B 366 31.42 -2.02 3.82
CA ASP B 366 31.19 -1.97 5.25
C ASP B 366 29.83 -1.37 5.57
N PRO B 367 29.16 -1.85 6.62
CA PRO B 367 27.85 -1.29 6.96
C PRO B 367 27.91 0.06 7.67
N GLU B 368 29.10 0.54 8.01
CA GLU B 368 29.23 1.82 8.68
C GLU B 368 28.99 3.00 7.74
N ASP B 369 29.17 2.81 6.44
CA ASP B 369 29.00 3.91 5.48
C ASP B 369 27.57 4.07 4.99
N VAL B 370 26.70 3.12 5.27
CA VAL B 370 25.28 3.27 5.00
C VAL B 370 24.65 3.86 6.25
N ASP B 371 23.87 4.92 6.09
CA ASP B 371 23.37 5.65 7.25
C ASP B 371 22.31 4.88 8.01
N VAL B 372 21.37 4.27 7.29
CA VAL B 372 20.24 3.61 7.92
C VAL B 372 19.79 2.42 7.06
N MET B 373 19.76 1.25 7.66
CA MET B 373 19.59 -0.01 6.94
C MET B 373 18.30 -0.68 7.38
N MET B 374 17.18 -0.29 6.78
CA MET B 374 15.90 -0.88 7.07
C MET B 374 15.84 -2.26 6.42
N GLY B 375 15.13 -3.18 7.07
CA GLY B 375 14.85 -4.47 6.47
C GLY B 375 13.68 -5.13 7.14
N THR B 376 13.21 -6.22 6.57
CA THR B 376 12.05 -6.93 7.05
C THR B 376 12.45 -8.33 7.49
N PHE B 377 11.59 -8.97 8.27
CA PHE B 377 11.79 -10.35 8.68
C PHE B 377 10.81 -11.30 8.02
N THR B 378 9.92 -10.80 7.18
CA THR B 378 8.92 -11.67 6.56
C THR B 378 9.47 -12.49 5.41
N LYS B 379 10.45 -11.96 4.70
CA LYS B 379 10.80 -12.50 3.39
C LYS B 379 12.05 -13.33 3.37
N SER B 380 12.74 -13.50 4.49
CA SER B 380 13.87 -14.41 4.51
C SER B 380 13.92 -15.23 5.78
N PHE B 381 13.28 -14.74 6.84
CA PHE B 381 13.38 -15.38 8.14
C PHE B 381 12.14 -16.15 8.54
N GLY B 382 11.06 -16.06 7.77
CA GLY B 382 9.84 -16.79 8.07
C GLY B 382 9.17 -16.28 9.33
N ALA B 383 8.92 -14.99 9.38
CA ALA B 383 8.36 -14.36 10.57
C ALA B 383 7.56 -13.14 10.13
N SER B 384 7.31 -12.21 11.05
CA SER B 384 6.75 -10.93 10.69
C SER B 384 7.37 -9.85 11.56
N GLY B 385 7.76 -8.75 10.95
CA GLY B 385 8.38 -7.65 11.66
C GLY B 385 9.13 -6.73 10.73
N GLY B 386 10.15 -6.09 11.30
CA GLY B 386 10.98 -5.17 10.56
C GLY B 386 11.90 -4.45 11.53
N TYR B 387 12.96 -3.87 10.99
CA TYR B 387 13.96 -3.21 11.83
C TYR B 387 14.49 -1.99 11.10
N ILE B 388 15.18 -1.14 11.86
CA ILE B 388 16.03 -0.09 11.32
C ILE B 388 17.32 -0.09 12.13
N GLY B 389 18.45 -0.15 11.45
CA GLY B 389 19.75 -0.22 12.10
C GLY B 389 20.64 0.92 11.63
N GLY B 390 21.52 1.36 12.52
CA GLY B 390 22.48 2.37 12.15
C GLY B 390 23.41 2.68 13.30
N LYS B 391 23.89 3.92 13.32
CA LYS B 391 24.69 4.40 14.43
C LYS B 391 23.86 4.45 15.71
N LYS B 392 24.55 4.42 16.85
CA LYS B 392 23.87 4.42 18.14
C LYS B 392 23.19 5.75 18.40
N GLU B 393 23.75 6.83 17.85
CA GLU B 393 23.12 8.14 18.02
C GLU B 393 21.85 8.27 17.19
N LEU B 394 21.66 7.38 16.21
CA LEU B 394 20.45 7.40 15.40
C LEU B 394 19.33 6.62 16.06
N ILE B 395 19.64 5.52 16.72
CA ILE B 395 18.59 4.68 17.28
C ILE B 395 18.00 5.32 18.53
N ASP B 396 18.84 5.98 19.35
CA ASP B 396 18.34 6.69 20.52
C ASP B 396 17.44 7.86 20.15
N TYR B 397 17.60 8.43 18.96
CA TYR B 397 16.60 9.36 18.48
C TYR B 397 15.33 8.64 18.07
N LEU B 398 15.46 7.47 17.46
CA LEU B 398 14.31 6.72 16.99
C LEU B 398 13.74 5.80 18.05
N ARG B 399 14.22 5.85 19.29
CA ARG B 399 13.55 5.17 20.39
C ARG B 399 12.66 6.11 21.18
N THR B 400 12.67 7.40 20.86
CA THR B 400 11.89 8.40 21.56
C THR B 400 10.95 9.17 20.63
N HIS B 401 11.42 9.54 19.45
CA HIS B 401 10.65 10.29 18.48
C HIS B 401 10.41 9.35 17.30
N SER B 402 9.42 8.47 17.40
CA SER B 402 9.41 7.34 16.50
C SER B 402 8.09 6.96 15.84
N HIS B 403 6.95 7.56 16.26
CA HIS B 403 5.59 7.29 15.78
C HIS B 403 5.07 5.90 16.10
N SER B 404 5.93 4.99 16.57
CA SER B 404 5.55 3.61 16.84
C SER B 404 6.10 3.10 18.15
N ALA B 405 7.06 3.78 18.77
CA ALA B 405 7.47 3.41 20.10
C ALA B 405 6.50 3.94 21.14
N VAL B 406 5.62 4.85 20.75
CA VAL B 406 4.80 5.60 21.68
C VAL B 406 3.32 5.27 21.51
N TYR B 407 2.90 4.95 20.27
CA TYR B 407 1.49 4.68 20.03
C TYR B 407 1.19 3.25 19.62
N ALA B 408 2.04 2.63 18.81
CA ALA B 408 1.72 1.32 18.26
C ALA B 408 2.39 0.21 19.06
N THR B 409 1.70 -0.93 19.15
CA THR B 409 2.20 -2.04 19.95
C THR B 409 3.39 -2.69 19.29
N SER B 410 4.12 -3.48 20.06
CA SER B 410 5.36 -4.06 19.60
C SER B 410 5.13 -5.45 19.03
N LEU B 411 6.22 -6.18 18.80
CA LEU B 411 6.14 -7.54 18.27
C LEU B 411 5.48 -8.50 19.26
N SER B 412 4.83 -9.52 18.72
CA SER B 412 4.33 -10.59 19.55
C SER B 412 5.50 -11.40 20.09
N PRO B 413 5.42 -11.89 21.33
CA PRO B 413 6.55 -12.60 21.93
C PRO B 413 6.90 -13.92 21.26
N PRO B 414 5.97 -14.75 20.77
CA PRO B 414 6.45 -15.96 20.05
C PRO B 414 7.09 -15.69 18.70
N VAL B 415 6.74 -14.62 17.99
CA VAL B 415 7.40 -14.40 16.71
C VAL B 415 8.73 -13.67 16.87
N VAL B 416 9.07 -13.22 18.08
CA VAL B 416 10.43 -12.76 18.34
C VAL B 416 11.38 -13.95 18.37
N GLU B 417 10.94 -15.07 18.96
CA GLU B 417 11.80 -16.23 19.11
C GLU B 417 12.05 -16.92 17.77
N GLN B 418 11.09 -16.83 16.84
CA GLN B 418 11.32 -17.34 15.49
C GLN B 418 12.38 -16.50 14.76
N ILE B 419 12.44 -15.20 15.05
CA ILE B 419 13.48 -14.37 14.47
C ILE B 419 14.82 -14.70 15.10
N ILE B 420 14.85 -14.92 16.41
CA ILE B 420 16.11 -15.23 17.10
C ILE B 420 16.66 -16.58 16.66
N THR B 421 15.81 -17.61 16.64
CA THR B 421 16.30 -18.93 16.26
C THR B 421 16.53 -19.08 14.77
N SER B 422 16.16 -18.09 13.96
CA SER B 422 16.54 -18.12 12.56
C SER B 422 17.86 -17.40 12.34
N MET B 423 18.14 -16.37 13.13
CA MET B 423 19.40 -15.66 12.99
C MET B 423 20.55 -16.40 13.68
N LYS B 424 20.24 -17.36 14.54
CA LYS B 424 21.28 -18.22 15.07
C LYS B 424 21.77 -19.20 14.01
N CYS B 425 20.85 -19.75 13.21
CA CYS B 425 21.20 -20.79 12.25
C CYS B 425 22.03 -20.25 11.10
N ILE B 426 21.94 -18.95 10.81
CA ILE B 426 22.78 -18.36 9.78
C ILE B 426 24.18 -18.08 10.32
N MET B 427 24.28 -17.70 11.59
CA MET B 427 25.59 -17.48 12.17
C MET B 427 26.16 -18.78 12.75
N GLY B 428 25.32 -19.77 13.00
CA GLY B 428 25.77 -21.06 13.48
C GLY B 428 25.38 -21.34 14.92
N SER B 433 19.97 -28.98 11.15
CA SER B 433 20.13 -27.55 10.93
C SER B 433 20.48 -27.27 9.47
N LEU B 434 19.51 -26.71 8.73
CA LEU B 434 19.71 -26.28 7.36
C LEU B 434 19.98 -24.78 7.35
N GLY B 435 21.13 -24.40 7.87
CA GLY B 435 21.42 -23.00 8.09
C GLY B 435 22.20 -22.35 6.95
N LYS B 436 23.48 -22.12 7.18
CA LYS B 436 24.30 -21.35 6.25
C LYS B 436 24.73 -22.14 5.02
N GLU B 437 24.38 -23.42 4.93
CA GLU B 437 24.57 -24.16 3.68
C GLU B 437 23.49 -23.86 2.67
N CYS B 438 22.40 -23.22 3.09
CA CYS B 438 21.31 -22.92 2.17
C CYS B 438 21.58 -21.65 1.37
N VAL B 439 22.38 -20.72 1.91
CA VAL B 439 22.74 -19.54 1.14
C VAL B 439 23.75 -19.87 0.06
N GLN B 440 24.52 -20.95 0.22
CA GLN B 440 25.26 -21.51 -0.90
C GLN B 440 24.35 -22.29 -1.83
N GLN B 441 23.18 -22.72 -1.32
CA GLN B 441 22.26 -23.49 -2.13
C GLN B 441 21.32 -22.60 -2.91
N LEU B 442 20.93 -21.45 -2.36
CA LEU B 442 20.20 -20.47 -3.16
C LEU B 442 21.11 -19.81 -4.18
N ALA B 443 22.43 -19.82 -3.91
CA ALA B 443 23.38 -19.37 -4.89
C ALA B 443 23.45 -20.30 -6.10
N GLU B 444 23.14 -21.58 -5.92
CA GLU B 444 23.10 -22.50 -7.04
C GLU B 444 21.79 -22.38 -7.82
N ASN B 445 20.67 -22.35 -7.11
CA ASN B 445 19.36 -22.25 -7.76
C ASN B 445 19.18 -20.93 -8.49
N THR B 446 19.85 -19.86 -8.07
CA THR B 446 19.75 -18.60 -8.79
C THR B 446 20.49 -18.70 -10.11
N ARG B 447 21.59 -19.44 -10.14
CA ARG B 447 22.39 -19.55 -11.35
C ARG B 447 21.83 -20.59 -12.29
N TYR B 448 21.32 -21.71 -11.76
CA TYR B 448 20.79 -22.78 -12.59
C TYR B 448 19.49 -22.38 -13.26
N PHE B 449 18.58 -21.77 -12.51
CA PHE B 449 17.26 -21.46 -13.04
C PHE B 449 17.28 -20.29 -14.00
N ARG B 450 18.26 -19.39 -13.87
CA ARG B 450 18.24 -18.18 -14.67
C ARG B 450 18.73 -18.43 -16.08
N ARG B 451 19.89 -19.10 -16.23
CA ARG B 451 20.41 -19.37 -17.56
C ARG B 451 19.64 -20.48 -18.26
N ARG B 452 18.86 -21.27 -17.52
CA ARG B 452 18.05 -22.29 -18.17
C ARG B 452 16.88 -21.65 -18.90
N LEU B 453 16.15 -20.73 -18.27
CA LEU B 453 15.02 -20.09 -18.93
C LEU B 453 15.45 -19.17 -20.06
N LYS B 454 16.65 -18.61 -19.98
CA LYS B 454 17.05 -17.66 -21.02
C LYS B 454 17.42 -18.38 -22.31
N GLU B 455 18.09 -19.52 -22.23
CA GLU B 455 18.47 -20.26 -23.43
C GLU B 455 17.33 -21.07 -24.02
N MET B 456 16.16 -21.06 -23.38
CA MET B 456 14.96 -21.67 -23.94
C MET B 456 14.15 -20.70 -24.78
N GLY B 457 14.60 -19.45 -24.90
CA GLY B 457 13.92 -18.47 -25.70
C GLY B 457 13.08 -17.49 -24.92
N PHE B 458 12.97 -17.64 -23.61
CA PHE B 458 12.20 -16.71 -22.81
C PHE B 458 12.99 -15.42 -22.61
N ILE B 459 12.31 -14.40 -22.10
CA ILE B 459 12.92 -13.08 -21.90
C ILE B 459 12.81 -12.75 -20.41
N ILE B 460 13.97 -12.57 -19.78
CA ILE B 460 14.07 -12.40 -18.34
C ILE B 460 14.70 -11.06 -18.04
N TYR B 461 14.11 -10.30 -17.13
CA TYR B 461 14.71 -9.08 -16.62
C TYR B 461 15.67 -9.37 -15.49
N GLY B 462 16.53 -8.39 -15.21
CA GLY B 462 17.17 -8.29 -13.93
C GLY B 462 18.62 -8.74 -13.94
N ASN B 463 19.26 -8.46 -12.81
CA ASN B 463 20.63 -8.90 -12.55
C ASN B 463 20.66 -10.42 -12.46
N GLU B 464 21.79 -11.00 -12.83
CA GLU B 464 21.90 -12.44 -12.98
C GLU B 464 22.25 -13.16 -11.69
N ASP B 465 22.11 -12.52 -10.53
CA ASP B 465 22.23 -13.22 -9.26
C ASP B 465 21.19 -12.70 -8.27
N SER B 466 19.96 -12.50 -8.75
CA SER B 466 18.88 -12.11 -7.86
C SER B 466 17.89 -13.25 -7.72
N PRO B 467 17.37 -13.49 -6.51
CA PRO B 467 16.45 -14.63 -6.31
C PRO B 467 15.12 -14.46 -7.00
N VAL B 468 14.71 -13.26 -7.34
CA VAL B 468 13.48 -13.02 -8.07
C VAL B 468 13.78 -13.14 -9.56
N VAL B 469 13.01 -13.97 -10.26
CA VAL B 469 13.14 -14.16 -11.69
C VAL B 469 11.86 -13.64 -12.35
N PRO B 470 11.88 -12.43 -12.88
CA PRO B 470 10.72 -11.90 -13.61
C PRO B 470 10.69 -12.43 -15.04
N LEU B 471 9.63 -13.16 -15.36
CA LEU B 471 9.39 -13.66 -16.71
C LEU B 471 8.36 -12.76 -17.36
N MET B 472 8.50 -12.52 -18.65
CA MET B 472 7.81 -11.41 -19.31
C MET B 472 6.60 -11.90 -20.10
N LEU B 473 5.41 -11.70 -19.54
CA LEU B 473 4.15 -11.79 -20.26
C LEU B 473 3.83 -10.41 -20.81
N TYR B 474 3.45 -10.33 -22.08
CA TYR B 474 3.14 -9.02 -22.63
C TYR B 474 1.64 -8.75 -22.74
N MET B 475 0.88 -9.64 -23.36
CA MET B 475 -0.54 -9.36 -23.59
C MET B 475 -1.32 -9.46 -22.28
N PRO B 476 -2.40 -8.67 -22.15
CA PRO B 476 -3.21 -8.78 -20.93
C PRO B 476 -4.04 -10.03 -20.88
N ALA B 477 -4.28 -10.68 -22.01
CA ALA B 477 -4.98 -11.95 -22.01
C ALA B 477 -4.06 -13.12 -21.76
N LYS B 478 -2.76 -12.94 -21.99
CA LYS B 478 -1.79 -13.93 -21.54
C LYS B 478 -1.47 -13.79 -20.07
N ILE B 479 -1.94 -12.73 -19.42
CA ILE B 479 -1.87 -12.66 -17.96
C ILE B 479 -2.81 -13.68 -17.35
N GLY B 480 -4.08 -13.64 -17.74
CA GLY B 480 -5.05 -14.56 -17.19
C GLY B 480 -5.03 -15.92 -17.82
N ALA B 481 -4.24 -16.12 -18.88
CA ALA B 481 -4.08 -17.46 -19.41
C ALA B 481 -2.92 -18.18 -18.74
N PHE B 482 -1.78 -17.50 -18.60
CA PHE B 482 -0.60 -18.10 -17.99
C PHE B 482 -0.82 -18.40 -16.51
N GLY B 483 -1.68 -17.63 -15.83
CA GLY B 483 -2.02 -17.97 -14.48
C GLY B 483 -2.90 -19.19 -14.38
N ARG B 484 -3.84 -19.35 -15.30
CA ARG B 484 -4.71 -20.52 -15.28
C ARG B 484 -4.07 -21.74 -15.89
N GLU B 485 -3.04 -21.55 -16.72
CA GLU B 485 -2.44 -22.69 -17.40
C GLU B 485 -1.46 -23.42 -16.49
N MET B 486 -0.73 -22.69 -15.65
CA MET B 486 0.26 -23.34 -14.80
C MET B 486 -0.41 -24.11 -13.67
N LEU B 487 -1.55 -23.62 -13.18
CA LEU B 487 -2.20 -24.23 -12.04
C LEU B 487 -2.81 -25.57 -12.41
N LYS B 488 -3.16 -25.77 -13.68
CA LYS B 488 -3.54 -27.08 -14.17
C LYS B 488 -2.36 -28.03 -14.14
N ARG B 489 -1.15 -27.51 -14.37
CA ARG B 489 0.04 -28.33 -14.44
C ARG B 489 0.83 -28.32 -13.14
N ASN B 490 0.14 -28.21 -11.99
CA ASN B 490 0.70 -28.49 -10.66
C ASN B 490 1.82 -27.53 -10.29
N ILE B 491 1.65 -26.25 -10.61
CA ILE B 491 2.62 -25.21 -10.24
C ILE B 491 1.94 -23.85 -10.15
N GLY B 492 2.18 -23.11 -9.08
CA GLY B 492 1.53 -21.83 -8.86
C GLY B 492 2.53 -20.68 -8.89
N VAL B 493 2.16 -19.64 -9.63
CA VAL B 493 3.02 -18.47 -9.85
C VAL B 493 2.28 -17.21 -9.46
N VAL B 494 2.98 -16.07 -9.46
CA VAL B 494 2.39 -14.77 -9.17
C VAL B 494 2.57 -13.90 -10.38
N VAL B 495 1.46 -13.42 -10.93
CA VAL B 495 1.45 -12.65 -12.17
C VAL B 495 0.96 -11.25 -11.87
N VAL B 496 1.69 -10.24 -12.35
CA VAL B 496 1.43 -8.85 -12.02
C VAL B 496 0.96 -8.13 -13.28
N GLY B 497 -0.18 -7.47 -13.18
CA GLY B 497 -0.88 -6.95 -14.34
C GLY B 497 -0.50 -5.54 -14.72
N PHE B 498 -1.46 -4.82 -15.31
CA PHE B 498 -1.23 -3.52 -15.94
C PHE B 498 -0.91 -2.39 -14.97
N PRO B 499 -1.76 -2.00 -14.01
CA PRO B 499 -1.51 -0.72 -13.32
C PRO B 499 -0.37 -0.78 -12.32
N ALA B 500 0.07 -1.97 -11.91
CA ALA B 500 1.22 -2.10 -11.04
C ALA B 500 2.53 -2.18 -11.82
N THR B 501 2.46 -2.23 -13.14
CA THR B 501 3.57 -2.26 -14.07
C THR B 501 3.42 -1.09 -15.02
N PRO B 502 4.29 -0.91 -16.01
CA PRO B 502 3.89 -0.09 -17.16
C PRO B 502 2.88 -0.78 -18.07
N ILE B 503 2.64 -0.19 -19.24
CA ILE B 503 1.58 -0.68 -20.11
C ILE B 503 1.97 -2.01 -20.73
N ILE B 504 3.17 -2.11 -21.27
CA ILE B 504 3.53 -3.27 -22.06
C ILE B 504 4.58 -4.10 -21.33
N GLU B 505 4.53 -4.12 -20.00
CA GLU B 505 5.47 -4.93 -19.25
C GLU B 505 4.82 -6.17 -18.66
N SER B 506 3.74 -5.99 -17.88
CA SER B 506 2.75 -7.00 -17.47
C SER B 506 3.29 -8.38 -17.10
N ARG B 507 4.40 -8.42 -16.37
CA ARG B 507 5.22 -9.61 -16.26
C ARG B 507 4.64 -10.60 -15.23
N ALA B 508 5.27 -11.77 -15.15
CA ALA B 508 5.05 -12.73 -14.09
C ALA B 508 6.36 -12.93 -13.35
N ARG B 509 6.34 -13.62 -12.21
CA ARG B 509 7.42 -13.51 -11.25
C ARG B 509 7.66 -14.84 -10.55
N PHE B 510 8.93 -15.19 -10.35
CA PHE B 510 9.33 -16.46 -9.76
C PHE B 510 10.25 -16.20 -8.57
N CYS B 511 9.78 -16.52 -7.38
CA CYS B 511 10.60 -16.35 -6.18
C CYS B 511 11.24 -17.69 -5.84
N LEU B 512 12.55 -17.76 -6.00
CA LEU B 512 13.27 -18.98 -5.71
C LEU B 512 13.34 -19.24 -4.21
N SER B 513 13.81 -20.43 -3.87
CA SER B 513 13.84 -20.86 -2.48
C SER B 513 14.93 -21.90 -2.32
N ALA B 514 15.58 -21.89 -1.16
CA ALA B 514 16.54 -22.95 -0.86
C ALA B 514 15.87 -24.24 -0.43
N ALA B 515 14.55 -24.23 -0.24
CA ALA B 515 13.79 -25.46 -0.06
C ALA B 515 13.42 -26.11 -1.38
N HIS B 516 13.75 -25.47 -2.51
CA HIS B 516 13.62 -26.10 -3.81
C HIS B 516 14.86 -26.95 -4.08
N THR B 517 14.71 -28.26 -4.08
CA THR B 517 15.82 -29.11 -4.47
C THR B 517 15.89 -29.22 -5.99
N LYS B 518 16.72 -30.14 -6.49
CA LYS B 518 16.99 -30.21 -7.92
C LYS B 518 15.82 -30.81 -8.68
N GLU B 519 15.27 -31.94 -8.21
CA GLU B 519 14.17 -32.58 -8.92
C GLU B 519 12.88 -31.78 -8.83
N ILE B 520 12.71 -31.02 -7.74
CA ILE B 520 11.55 -30.14 -7.64
C ILE B 520 11.67 -28.99 -8.61
N LEU B 521 12.89 -28.50 -8.82
CA LEU B 521 13.09 -27.36 -9.70
C LEU B 521 13.12 -27.79 -11.16
N ASP B 522 13.65 -28.97 -11.46
CA ASP B 522 13.66 -29.49 -12.82
C ASP B 522 12.28 -29.81 -13.35
N THR B 523 11.36 -30.21 -12.48
CA THR B 523 9.97 -30.45 -12.88
C THR B 523 9.31 -29.15 -13.31
N ALA B 524 9.62 -28.05 -12.63
CA ALA B 524 9.02 -26.76 -12.98
C ALA B 524 9.55 -26.23 -14.29
N LEU B 525 10.79 -26.54 -14.63
CA LEU B 525 11.35 -26.11 -15.91
C LEU B 525 10.74 -26.88 -17.08
N LYS B 526 10.33 -28.12 -16.84
CA LYS B 526 9.61 -28.88 -17.85
C LYS B 526 8.24 -28.28 -18.12
N GLU B 527 7.62 -27.68 -17.11
CA GLU B 527 6.26 -27.18 -17.26
C GLU B 527 6.21 -25.74 -17.72
N ILE B 528 7.35 -25.04 -17.79
CA ILE B 528 7.36 -23.77 -18.51
C ILE B 528 7.72 -24.02 -19.97
N ASP B 529 8.32 -25.17 -20.26
CA ASP B 529 8.61 -25.55 -21.64
C ASP B 529 7.32 -25.79 -22.43
N GLU B 530 6.35 -26.47 -21.82
CA GLU B 530 5.08 -26.70 -22.51
C GLU B 530 4.27 -25.42 -22.60
N VAL B 531 4.19 -24.68 -21.50
CA VAL B 531 3.28 -23.54 -21.46
C VAL B 531 3.86 -22.36 -22.21
N GLY B 532 5.18 -22.19 -22.15
CA GLY B 532 5.83 -21.15 -22.94
C GLY B 532 5.78 -21.40 -24.43
N ASP B 533 5.60 -22.65 -24.83
CA ASP B 533 5.44 -22.99 -26.24
C ASP B 533 3.97 -23.08 -26.62
N LEU B 534 3.08 -23.24 -25.64
CA LEU B 534 1.65 -23.24 -25.93
C LEU B 534 1.13 -21.83 -26.15
N LEU B 535 1.45 -20.91 -25.25
CA LEU B 535 1.05 -19.52 -25.39
C LEU B 535 2.01 -18.74 -26.28
N GLN B 536 3.10 -19.38 -26.73
CA GLN B 536 4.11 -18.79 -27.60
C GLN B 536 4.73 -17.54 -26.99
N LEU B 537 5.16 -17.64 -25.74
CA LEU B 537 5.80 -16.52 -25.05
C LEU B 537 7.33 -16.65 -25.06
N LYS B 538 7.87 -16.70 -26.28
CA LYS B 538 9.28 -16.91 -26.58
C LYS B 538 9.95 -15.66 -27.14
N TYR B 539 9.63 -14.50 -26.59
CA TYR B 539 9.80 -13.18 -27.22
C TYR B 539 11.27 -12.86 -27.49
N SER B 540 12.22 -13.46 -26.79
CA SER B 540 13.62 -13.00 -26.86
C SER B 540 14.21 -13.51 -28.17
N ARG B 541 15.33 -12.94 -28.62
CA ARG B 541 15.95 -13.33 -29.87
C ARG B 541 17.18 -14.18 -29.62
N HIS B 542 17.41 -14.53 -28.36
CA HIS B 542 18.58 -15.31 -27.98
C HIS B 542 18.17 -16.57 -27.21
N PRO C 12 0.49 5.16 -16.83
CA PRO C 12 -0.46 5.62 -15.82
C PRO C 12 -1.03 7.00 -16.11
N ASN C 13 -1.39 7.24 -17.38
CA ASN C 13 -2.03 8.45 -17.93
C ASN C 13 -1.19 9.71 -17.81
N THR C 14 0.03 9.64 -17.30
CA THR C 14 1.06 10.64 -17.50
C THR C 14 2.18 10.12 -18.38
N ARG C 15 2.36 8.81 -18.40
CA ARG C 15 3.25 8.15 -19.35
C ARG C 15 2.42 7.06 -20.02
N VAL C 16 1.64 7.47 -21.02
CA VAL C 16 0.95 6.53 -21.88
C VAL C 16 1.28 6.73 -23.36
N MET C 17 1.60 7.96 -23.79
CA MET C 17 1.97 8.23 -25.16
C MET C 17 3.47 8.31 -25.33
N ASN C 18 4.23 8.03 -24.29
CA ASN C 18 5.68 8.03 -24.36
C ASN C 18 6.23 6.65 -23.98
N SER C 19 5.47 5.60 -24.27
CA SER C 19 5.96 4.24 -24.13
C SER C 19 6.52 3.79 -25.47
N ARG C 20 6.76 2.49 -25.61
CA ARG C 20 7.42 1.95 -26.78
C ARG C 20 6.37 1.46 -27.76
N GLY C 21 6.33 2.07 -28.94
CA GLY C 21 5.45 1.61 -30.00
C GLY C 21 4.05 2.15 -29.95
N ILE C 22 3.80 3.24 -29.22
CA ILE C 22 2.47 3.83 -29.20
C ILE C 22 2.25 4.72 -30.43
N TRP C 23 3.32 5.23 -31.04
CA TRP C 23 3.17 6.02 -32.26
C TRP C 23 2.83 5.13 -33.45
N LEU C 24 3.53 4.01 -33.56
CA LEU C 24 3.30 3.09 -34.67
C LEU C 24 1.93 2.42 -34.54
N SER C 25 1.42 2.31 -33.32
CA SER C 25 0.06 1.81 -33.12
C SER C 25 -0.97 2.92 -33.09
N TYR C 26 -0.57 4.17 -33.35
CA TYR C 26 -1.55 5.23 -33.52
C TYR C 26 -1.73 5.58 -34.99
N VAL C 27 -0.67 5.45 -35.78
CA VAL C 27 -0.77 5.60 -37.23
C VAL C 27 -1.61 4.48 -37.83
N LEU C 28 -1.40 3.25 -37.38
CA LEU C 28 -2.13 2.13 -37.94
C LEU C 28 -3.58 2.10 -37.47
N ALA C 29 -3.92 2.82 -36.39
CA ALA C 29 -5.32 2.91 -36.00
C ALA C 29 -6.09 3.82 -36.96
N ILE C 30 -5.43 4.83 -37.53
CA ILE C 30 -6.05 5.63 -38.57
C ILE C 30 -6.26 4.80 -39.83
N GLY C 31 -5.25 4.01 -40.21
CA GLY C 31 -5.41 3.11 -41.34
C GLY C 31 -6.44 2.02 -41.10
N LEU C 32 -6.58 1.56 -39.86
CA LEU C 32 -7.64 0.60 -39.56
C LEU C 32 -9.00 1.27 -39.62
N LEU C 33 -9.07 2.58 -39.39
CA LEU C 33 -10.33 3.27 -39.54
C LEU C 33 -10.60 3.62 -41.00
N HIS C 34 -9.55 3.86 -41.78
CA HIS C 34 -9.76 4.32 -43.14
C HIS C 34 -10.06 3.19 -44.11
N ILE C 35 -9.41 2.04 -43.93
CA ILE C 35 -9.65 0.91 -44.84
C ILE C 35 -11.04 0.32 -44.60
N VAL C 36 -11.57 0.48 -43.39
CA VAL C 36 -12.96 0.11 -43.14
C VAL C 36 -13.90 1.06 -43.87
N LEU C 37 -13.71 2.37 -43.70
CA LEU C 37 -14.63 3.33 -44.27
C LEU C 37 -14.50 3.46 -45.78
N LEU C 38 -13.35 3.12 -46.35
CA LEU C 38 -13.28 3.04 -47.81
C LEU C 38 -14.01 1.81 -48.31
N SER C 39 -14.21 0.82 -47.45
CA SER C 39 -14.92 -0.40 -47.80
C SER C 39 -16.40 -0.32 -47.41
N ILE C 40 -17.09 0.66 -47.98
CA ILE C 40 -18.53 0.82 -47.82
C ILE C 40 -19.14 0.85 -49.22
N PRO C 41 -20.24 0.11 -49.49
CA PRO C 41 -20.86 0.15 -50.82
C PRO C 41 -21.44 1.50 -51.22
N PHE C 42 -22.37 2.03 -50.42
CA PHE C 42 -23.07 3.27 -50.78
C PHE C 42 -22.34 4.48 -50.21
N VAL C 43 -21.16 4.75 -50.78
CA VAL C 43 -20.34 5.88 -50.37
C VAL C 43 -19.47 6.26 -51.55
N SER C 44 -18.89 7.45 -51.51
CA SER C 44 -17.93 7.90 -52.51
C SER C 44 -16.63 8.33 -51.85
N VAL C 45 -15.56 8.31 -52.62
CA VAL C 45 -14.22 8.66 -52.14
C VAL C 45 -14.04 10.11 -51.67
N PRO C 46 -14.86 11.13 -52.03
CA PRO C 46 -14.76 12.37 -51.24
C PRO C 46 -15.29 12.21 -49.83
N VAL C 47 -16.35 11.44 -49.63
CA VAL C 47 -16.86 11.27 -48.27
C VAL C 47 -16.32 9.98 -47.67
N VAL C 48 -15.18 9.52 -48.19
CA VAL C 48 -14.31 8.65 -47.41
C VAL C 48 -13.34 9.48 -46.59
N TRP C 49 -12.61 10.40 -47.23
CA TRP C 49 -11.66 11.23 -46.50
C TRP C 49 -12.36 12.35 -45.74
N THR C 50 -13.59 12.67 -46.10
CA THR C 50 -14.37 13.57 -45.26
C THR C 50 -14.84 12.86 -44.00
N LEU C 51 -15.16 11.57 -44.12
CA LEU C 51 -15.71 10.85 -42.98
C LEU C 51 -14.60 10.45 -42.00
N THR C 52 -13.46 9.99 -42.51
CA THR C 52 -12.36 9.56 -41.66
C THR C 52 -11.62 10.71 -41.00
N ASN C 53 -11.93 11.95 -41.34
CA ASN C 53 -11.36 13.09 -40.64
C ASN C 53 -12.24 13.54 -39.49
N LEU C 54 -13.56 13.37 -39.62
CA LEU C 54 -14.44 13.68 -38.49
C LEU C 54 -14.30 12.64 -37.40
N ILE C 55 -14.16 11.37 -37.77
CA ILE C 55 -14.11 10.29 -36.78
C ILE C 55 -12.80 10.34 -36.02
N HIS C 56 -11.70 10.72 -36.69
CA HIS C 56 -10.44 10.91 -36.00
C HIS C 56 -10.50 12.07 -35.02
N ASN C 57 -10.92 13.25 -35.47
CA ASN C 57 -10.89 14.41 -34.60
C ASN C 57 -12.05 14.45 -33.60
N MET C 58 -12.99 13.50 -33.68
CA MET C 58 -13.98 13.38 -32.61
C MET C 58 -13.47 12.49 -31.50
N GLY C 59 -12.74 11.43 -31.84
CA GLY C 59 -12.14 10.56 -30.84
C GLY C 59 -11.03 11.26 -30.10
N MET C 60 -10.26 12.09 -30.82
CA MET C 60 -9.18 12.84 -30.17
C MET C 60 -9.73 13.95 -29.30
N TYR C 61 -10.98 14.35 -29.50
CA TYR C 61 -11.56 15.36 -28.62
C TYR C 61 -12.34 14.71 -27.48
N ILE C 62 -12.76 13.47 -27.63
CA ILE C 62 -13.46 12.82 -26.54
C ILE C 62 -12.53 12.01 -25.64
N PHE C 63 -11.39 11.52 -26.16
CA PHE C 63 -10.45 10.79 -25.33
C PHE C 63 -9.37 11.65 -24.72
N LEU C 64 -9.23 12.89 -25.13
CA LEU C 64 -8.17 13.74 -24.61
C LEU C 64 -8.65 15.05 -24.02
N HIS C 65 -9.85 15.50 -24.36
CA HIS C 65 -10.29 16.83 -23.96
C HIS C 65 -11.64 16.80 -23.24
N THR C 66 -12.18 15.64 -22.96
CA THR C 66 -13.38 15.53 -22.17
C THR C 66 -13.22 14.62 -20.94
N VAL C 67 -12.58 13.47 -21.09
CA VAL C 67 -12.43 12.53 -19.99
C VAL C 67 -11.34 13.02 -19.04
N LYS C 68 -11.72 13.24 -17.78
CA LYS C 68 -10.81 13.73 -16.76
C LYS C 68 -10.70 12.70 -15.64
N GLY C 69 -9.47 12.42 -15.25
CA GLY C 69 -9.19 11.41 -14.25
C GLY C 69 -8.47 10.23 -14.83
N THR C 70 -8.49 9.14 -14.07
CA THR C 70 -7.85 7.88 -14.45
C THR C 70 -8.87 6.76 -14.40
N PRO C 71 -8.73 5.75 -15.26
CA PRO C 71 -9.55 4.55 -15.10
C PRO C 71 -9.19 3.76 -13.86
N PHE C 72 -7.94 3.81 -13.44
CA PHE C 72 -7.47 3.19 -12.21
C PHE C 72 -7.59 4.18 -11.06
N GLU C 73 -6.98 3.84 -9.93
CA GLU C 73 -6.97 4.71 -8.76
C GLU C 73 -5.55 5.18 -8.47
N THR C 74 -5.32 6.47 -8.64
CA THR C 74 -4.01 7.08 -8.45
C THR C 74 -3.72 7.19 -6.96
N PRO C 75 -2.55 6.73 -6.51
CA PRO C 75 -2.21 6.86 -5.08
C PRO C 75 -1.79 8.26 -4.65
N ASP C 76 -1.95 9.28 -5.48
CA ASP C 76 -1.70 10.66 -5.08
C ASP C 76 -2.97 11.32 -4.54
N GLN C 77 -3.93 10.51 -4.08
CA GLN C 77 -5.20 10.93 -3.50
C GLN C 77 -6.04 11.75 -4.48
N GLY C 78 -5.92 11.46 -5.77
CA GLY C 78 -6.77 12.09 -6.76
C GLY C 78 -6.36 13.51 -7.11
N LYS C 79 -5.06 13.72 -7.34
CA LYS C 79 -4.60 15.02 -7.80
C LYS C 79 -4.92 15.21 -9.27
N ALA C 80 -5.14 14.12 -9.99
CA ALA C 80 -5.48 14.13 -11.40
C ALA C 80 -6.97 14.08 -11.65
N ARG C 81 -7.79 14.38 -10.65
CA ARG C 81 -9.22 14.20 -10.79
C ARG C 81 -9.88 15.32 -11.57
N LEU C 82 -9.40 16.56 -11.41
CA LEU C 82 -10.02 17.71 -12.06
C LEU C 82 -9.42 17.98 -13.44
N LEU C 83 -8.31 17.36 -13.79
CA LEU C 83 -7.61 17.64 -15.02
C LEU C 83 -7.92 16.58 -16.06
N THR C 84 -8.10 17.01 -17.31
CA THR C 84 -8.35 16.07 -18.39
C THR C 84 -7.04 15.42 -18.83
N HIS C 85 -7.16 14.49 -19.79
CA HIS C 85 -6.01 13.66 -20.15
C HIS C 85 -4.99 14.42 -20.98
N TRP C 86 -5.37 15.52 -21.61
CA TRP C 86 -4.37 16.32 -22.31
C TRP C 86 -3.49 17.08 -21.35
N GLU C 87 -4.07 17.57 -20.25
CA GLU C 87 -3.38 18.45 -19.33
C GLU C 87 -2.35 17.74 -18.46
N GLN C 88 -2.25 16.42 -18.55
CA GLN C 88 -1.41 15.65 -17.64
C GLN C 88 -0.45 14.71 -18.33
N MET C 89 -0.22 14.86 -19.63
CA MET C 89 0.80 14.08 -20.30
C MET C 89 2.18 14.57 -19.90
N ASP C 90 3.00 13.63 -19.39
CA ASP C 90 4.41 13.86 -19.02
C ASP C 90 4.57 14.96 -17.97
N TYR C 91 3.57 15.07 -17.09
CA TYR C 91 3.61 15.93 -15.90
C TYR C 91 3.77 17.41 -16.22
N GLY C 92 2.93 17.93 -17.11
CA GLY C 92 2.72 19.35 -17.25
C GLY C 92 3.63 20.06 -18.24
N VAL C 93 4.74 19.46 -18.66
CA VAL C 93 5.60 20.11 -19.64
C VAL C 93 4.90 20.08 -20.99
N GLN C 94 5.04 21.17 -21.75
CA GLN C 94 4.27 21.26 -22.99
C GLN C 94 4.94 20.55 -24.16
N PHE C 95 6.07 21.06 -24.63
CA PHE C 95 6.53 20.63 -25.94
C PHE C 95 7.54 19.51 -25.79
N THR C 96 7.10 18.43 -25.17
CA THR C 96 7.87 17.21 -25.06
C THR C 96 7.79 16.47 -26.38
N ALA C 97 8.52 15.34 -26.45
CA ALA C 97 8.71 14.65 -27.73
C ALA C 97 7.45 13.98 -28.25
N SER C 98 6.48 13.70 -27.38
CA SER C 98 5.30 12.98 -27.82
C SER C 98 4.01 13.76 -27.60
N ARG C 99 4.08 15.00 -27.11
CA ARG C 99 2.88 15.82 -27.12
C ARG C 99 2.70 16.51 -28.46
N LYS C 100 3.80 16.94 -29.09
CA LYS C 100 3.71 17.61 -30.37
C LYS C 100 3.36 16.67 -31.51
N PHE C 101 3.66 15.37 -31.38
CA PHE C 101 3.29 14.41 -32.41
C PHE C 101 1.79 14.21 -32.49
N LEU C 102 1.07 14.48 -31.40
CA LEU C 102 -0.38 14.47 -31.42
C LEU C 102 -0.97 15.77 -31.94
N THR C 103 -0.14 16.74 -32.28
CA THR C 103 -0.57 17.99 -32.88
C THR C 103 -0.22 18.08 -34.36
N ILE C 104 0.91 17.48 -34.75
CA ILE C 104 1.28 17.42 -36.16
C ILE C 104 0.36 16.43 -36.90
N THR C 105 -0.13 15.42 -36.21
CA THR C 105 -0.88 14.35 -36.85
C THR C 105 -2.27 14.79 -37.37
N PRO C 106 -3.07 15.61 -36.69
CA PRO C 106 -4.27 16.14 -37.37
C PRO C 106 -3.95 17.12 -38.50
N ILE C 107 -2.75 17.70 -38.53
CA ILE C 107 -2.38 18.58 -39.63
C ILE C 107 -2.06 17.77 -40.89
N VAL C 108 -1.27 16.70 -40.74
CA VAL C 108 -0.86 15.91 -41.90
C VAL C 108 -2.04 15.15 -42.48
N LEU C 109 -2.99 14.76 -41.63
CA LEU C 109 -4.25 14.22 -42.13
C LEU C 109 -5.06 15.28 -42.87
N TYR C 110 -4.95 16.53 -42.45
CA TYR C 110 -5.77 17.58 -43.05
C TYR C 110 -5.30 17.91 -44.47
N PHE C 111 -3.99 17.75 -44.73
CA PHE C 111 -3.47 18.05 -46.06
C PHE C 111 -3.88 16.99 -47.07
N LEU C 112 -3.90 15.72 -46.66
CA LEU C 112 -4.33 14.67 -47.56
C LEU C 112 -5.83 14.74 -47.79
N THR C 113 -6.59 15.16 -46.79
CA THR C 113 -7.99 15.43 -47.04
C THR C 113 -8.21 16.78 -47.71
N SER C 114 -7.14 17.55 -47.95
CA SER C 114 -7.22 18.75 -48.77
C SER C 114 -6.91 18.44 -50.22
N PHE C 115 -5.93 17.57 -50.48
CA PHE C 115 -5.69 17.12 -51.85
C PHE C 115 -6.82 16.23 -52.34
N TYR C 116 -7.19 15.22 -51.55
CA TYR C 116 -8.44 14.53 -51.80
C TYR C 116 -9.61 15.46 -51.47
N THR C 117 -10.78 15.11 -52.00
CA THR C 117 -12.05 15.84 -52.08
C THR C 117 -11.99 17.06 -52.99
N LYS C 118 -10.80 17.44 -53.49
CA LYS C 118 -10.58 18.47 -54.51
C LYS C 118 -11.15 19.83 -54.12
N TYR C 119 -10.93 20.21 -52.86
CA TYR C 119 -11.01 21.61 -52.40
C TYR C 119 -12.42 22.18 -52.50
N ASP C 120 -13.37 21.45 -51.91
CA ASP C 120 -14.78 21.78 -52.07
C ASP C 120 -15.19 22.95 -51.19
N GLN C 121 -16.49 23.26 -51.18
CA GLN C 121 -17.00 24.35 -50.36
C GLN C 121 -17.55 23.85 -49.04
N ILE C 122 -18.59 23.02 -49.07
CA ILE C 122 -19.22 22.59 -47.83
C ILE C 122 -18.44 21.47 -47.17
N HIS C 123 -17.48 20.86 -47.87
CA HIS C 123 -16.57 19.94 -47.21
C HIS C 123 -15.38 20.69 -46.62
N PHE C 124 -15.07 21.89 -47.14
CA PHE C 124 -14.19 22.79 -46.41
C PHE C 124 -14.86 23.29 -45.14
N VAL C 125 -16.18 23.43 -45.17
CA VAL C 125 -16.93 23.80 -43.97
C VAL C 125 -16.81 22.72 -42.91
N LEU C 126 -16.89 21.45 -43.32
CA LEU C 126 -17.00 20.37 -42.35
C LEU C 126 -15.63 19.86 -41.90
N ASN C 127 -14.63 19.84 -42.77
CA ASN C 127 -13.31 19.36 -42.39
C ASN C 127 -12.51 20.36 -41.57
N THR C 128 -12.65 21.66 -41.83
CA THR C 128 -11.79 22.62 -41.16
C THR C 128 -12.27 22.92 -39.75
N VAL C 129 -13.59 23.06 -39.57
CA VAL C 129 -14.08 23.33 -38.22
C VAL C 129 -14.05 22.08 -37.36
N SER C 130 -13.85 20.91 -37.96
CA SER C 130 -13.50 19.73 -37.17
C SER C 130 -12.00 19.65 -36.96
N LEU C 131 -11.22 20.45 -37.68
CA LEU C 131 -9.77 20.48 -37.46
C LEU C 131 -9.39 21.57 -36.47
N MET C 132 -10.09 22.71 -36.50
CA MET C 132 -9.88 23.70 -35.44
C MET C 132 -10.44 23.22 -34.11
N SER C 133 -11.39 22.30 -34.12
CA SER C 133 -11.99 21.80 -32.89
C SER C 133 -11.06 20.92 -32.08
N VAL C 134 -9.95 20.46 -32.66
CA VAL C 134 -8.98 19.67 -31.93
C VAL C 134 -7.72 20.46 -31.60
N LEU C 135 -7.46 21.58 -32.30
CA LEU C 135 -6.26 22.36 -32.07
C LEU C 135 -6.44 23.51 -31.11
N ILE C 136 -7.66 24.02 -30.94
CA ILE C 136 -7.89 25.11 -29.99
C ILE C 136 -7.52 24.74 -28.55
N PRO C 137 -7.91 23.59 -27.99
CA PRO C 137 -7.43 23.28 -26.64
C PRO C 137 -5.99 22.82 -26.56
N LYS C 138 -5.33 22.52 -27.68
CA LYS C 138 -3.94 22.09 -27.66
C LYS C 138 -2.96 23.24 -27.54
N LEU C 139 -3.42 24.47 -27.38
CA LEU C 139 -2.50 25.58 -27.15
C LEU C 139 -2.06 25.59 -25.68
N PRO C 140 -0.85 26.07 -25.38
CA PRO C 140 -0.44 26.18 -23.98
C PRO C 140 -1.18 27.26 -23.21
N GLN C 141 -1.63 28.32 -23.87
CA GLN C 141 -2.32 29.41 -23.21
C GLN C 141 -3.83 29.20 -23.10
N LEU C 142 -4.26 27.95 -23.06
CA LEU C 142 -5.63 27.55 -22.74
C LEU C 142 -5.60 26.32 -21.84
N HIS C 143 -4.82 26.39 -20.76
CA HIS C 143 -4.50 25.18 -19.99
C HIS C 143 -5.65 24.79 -19.07
N GLY C 144 -5.99 25.64 -18.11
CA GLY C 144 -7.01 25.34 -17.14
C GLY C 144 -8.38 25.90 -17.42
N VAL C 145 -8.59 26.50 -18.59
CA VAL C 145 -9.84 27.18 -18.90
C VAL C 145 -10.84 26.14 -19.38
N ARG C 146 -12.03 26.15 -18.78
CA ARG C 146 -13.15 25.34 -19.24
C ARG C 146 -14.34 26.25 -19.49
N ILE C 147 -14.66 26.45 -20.76
CA ILE C 147 -15.57 27.49 -21.22
C ILE C 147 -17.01 27.02 -21.10
N PHE C 148 -17.71 27.48 -20.06
CA PHE C 148 -19.15 27.30 -19.80
C PHE C 148 -19.55 25.84 -19.53
N GLY C 149 -18.62 24.90 -19.51
CA GLY C 149 -19.02 23.52 -19.33
C GLY C 149 -17.84 22.64 -18.93
N ILE C 150 -18.19 21.53 -18.27
CA ILE C 150 -17.31 20.46 -17.77
C ILE C 150 -16.03 20.95 -17.08
N ALA D 28 -6.53 -36.08 -39.62
CA ALA D 28 -7.27 -35.56 -38.47
C ALA D 28 -6.41 -34.59 -37.67
N ARG D 29 -5.09 -34.79 -37.73
CA ARG D 29 -4.16 -33.96 -36.98
C ARG D 29 -4.03 -32.56 -37.57
N ALA D 30 -4.46 -32.34 -38.81
CA ALA D 30 -4.53 -30.99 -39.37
C ALA D 30 -5.78 -30.26 -38.91
N TRP D 31 -6.72 -30.96 -38.29
CA TRP D 31 -7.93 -30.35 -37.75
C TRP D 31 -7.75 -29.89 -36.31
N LYS D 32 -7.13 -30.71 -35.46
CA LYS D 32 -6.84 -30.34 -34.08
C LYS D 32 -5.82 -29.21 -33.99
N GLN D 33 -4.78 -29.25 -34.84
CA GLN D 33 -3.79 -28.18 -34.87
C GLN D 33 -4.38 -26.88 -35.40
N MET D 34 -5.37 -26.95 -36.28
CA MET D 34 -6.03 -25.73 -36.75
C MET D 34 -6.86 -25.08 -35.66
N SER D 35 -7.37 -25.88 -34.71
CA SER D 35 -8.08 -25.33 -33.56
C SER D 35 -7.16 -24.60 -32.61
N TRP D 36 -5.85 -24.90 -32.64
CA TRP D 36 -4.90 -24.12 -31.85
C TRP D 36 -4.73 -22.72 -32.43
N PHE D 37 -4.78 -22.58 -33.75
CA PHE D 37 -4.69 -21.27 -34.36
C PHE D 37 -5.89 -20.40 -34.06
N TYR D 38 -7.02 -21.01 -33.71
CA TYR D 38 -8.12 -20.23 -33.16
C TYR D 38 -7.85 -19.88 -31.70
N TYR D 39 -7.26 -20.81 -30.94
CA TYR D 39 -6.91 -20.53 -29.56
C TYR D 39 -5.80 -19.49 -29.47
N GLN D 40 -4.87 -19.50 -30.42
CA GLN D 40 -3.84 -18.48 -30.47
C GLN D 40 -4.44 -17.13 -30.87
N TYR D 41 -5.50 -17.15 -31.68
CA TYR D 41 -6.25 -15.93 -31.94
C TYR D 41 -7.02 -15.44 -30.71
N LEU D 42 -7.29 -16.31 -29.74
CA LEU D 42 -7.98 -15.86 -28.54
C LEU D 42 -7.05 -15.12 -27.59
N LEU D 43 -5.75 -15.45 -27.61
CA LEU D 43 -4.82 -14.86 -26.66
C LEU D 43 -4.36 -13.49 -27.13
N VAL D 44 -3.81 -13.44 -28.35
CA VAL D 44 -3.53 -12.15 -28.97
C VAL D 44 -4.86 -11.48 -29.29
N THR D 45 -4.90 -10.16 -29.19
CA THR D 45 -6.07 -9.29 -29.30
C THR D 45 -7.17 -9.60 -28.28
N ALA D 46 -6.86 -10.38 -27.24
CA ALA D 46 -7.60 -10.49 -25.97
C ALA D 46 -9.06 -10.88 -26.15
N LEU D 47 -9.27 -12.00 -26.84
CA LEU D 47 -10.58 -12.60 -26.94
C LEU D 47 -10.81 -13.64 -25.85
N TYR D 48 -9.82 -13.87 -25.00
CA TYR D 48 -9.85 -15.02 -24.10
C TYR D 48 -10.79 -14.79 -22.93
N MET D 49 -10.55 -13.74 -22.14
CA MET D 49 -11.42 -13.50 -20.98
C MET D 49 -12.55 -12.53 -21.30
N LEU D 50 -13.23 -12.74 -22.42
CA LEU D 50 -14.10 -11.69 -22.94
C LEU D 50 -15.57 -12.08 -22.82
N GLU D 51 -15.88 -13.10 -21.99
CA GLU D 51 -17.23 -13.53 -21.63
C GLU D 51 -18.06 -13.90 -22.84
N PRO D 52 -17.98 -15.18 -23.33
CA PRO D 52 -18.39 -15.57 -24.71
C PRO D 52 -19.71 -15.06 -25.29
N TRP D 53 -20.60 -14.56 -24.45
CA TRP D 53 -21.71 -13.71 -24.88
C TRP D 53 -21.23 -12.47 -25.64
N GLU D 54 -20.00 -12.01 -25.36
CA GLU D 54 -19.42 -10.90 -26.07
C GLU D 54 -18.32 -11.31 -27.04
N ARG D 55 -18.03 -12.61 -27.17
CA ARG D 55 -17.05 -13.01 -28.17
C ARG D 55 -17.62 -12.97 -29.57
N THR D 56 -18.84 -13.49 -29.76
CA THR D 56 -19.44 -13.55 -31.08
C THR D 56 -19.83 -12.18 -31.62
N VAL D 57 -19.94 -11.19 -30.74
CA VAL D 57 -20.08 -9.81 -31.19
C VAL D 57 -18.81 -9.35 -31.90
N PHE D 58 -17.65 -9.67 -31.34
CA PHE D 58 -16.41 -9.30 -32.01
C PHE D 58 -16.09 -10.23 -33.18
N ASN D 59 -16.53 -11.49 -33.13
CA ASN D 59 -16.32 -12.37 -34.27
C ASN D 59 -17.16 -11.95 -35.48
N SER D 60 -18.36 -11.43 -35.24
CA SER D 60 -19.21 -11.03 -36.34
C SER D 60 -18.70 -9.76 -37.00
N MET D 61 -18.21 -8.82 -36.20
CA MET D 61 -17.71 -7.57 -36.76
C MET D 61 -16.38 -7.76 -37.46
N LEU D 62 -15.66 -8.84 -37.14
CA LEU D 62 -14.41 -9.11 -37.85
C LEU D 62 -14.67 -9.82 -39.17
N VAL D 63 -15.77 -10.57 -39.26
CA VAL D 63 -16.11 -11.24 -40.51
C VAL D 63 -16.89 -10.31 -41.44
N SER D 64 -17.88 -9.59 -40.90
CA SER D 64 -18.80 -8.82 -41.75
C SER D 64 -18.14 -7.58 -42.35
N ILE D 65 -16.99 -7.16 -41.83
CA ILE D 65 -16.26 -6.09 -42.50
C ILE D 65 -15.36 -6.66 -43.59
N VAL D 66 -14.73 -7.79 -43.33
CA VAL D 66 -13.91 -8.43 -44.36
C VAL D 66 -14.80 -9.03 -45.45
N GLY D 67 -15.99 -9.48 -45.09
CA GLY D 67 -16.97 -9.85 -46.10
C GLY D 67 -17.50 -8.66 -46.88
N MET D 68 -17.44 -7.47 -46.27
CA MET D 68 -17.71 -6.23 -46.97
C MET D 68 -16.49 -5.74 -47.74
N ALA D 69 -15.28 -6.11 -47.31
CA ALA D 69 -14.07 -5.75 -48.05
C ALA D 69 -13.79 -6.72 -49.19
N LEU D 70 -14.65 -7.71 -49.37
CA LEU D 70 -14.61 -8.52 -50.59
C LEU D 70 -15.66 -8.11 -51.61
N TYR D 71 -16.78 -7.53 -51.15
CA TYR D 71 -17.80 -7.06 -52.07
C TYR D 71 -17.31 -5.86 -52.85
N THR D 72 -16.63 -4.93 -52.17
CA THR D 72 -15.95 -3.85 -52.87
C THR D 72 -14.64 -4.34 -53.48
N GLY D 73 -14.07 -5.39 -52.91
CA GLY D 73 -12.84 -5.95 -53.45
C GLY D 73 -13.00 -6.65 -54.77
N TYR D 74 -14.18 -7.22 -55.04
CA TYR D 74 -14.38 -7.91 -56.31
C TYR D 74 -14.76 -6.94 -57.43
N VAL D 75 -15.52 -5.90 -57.10
CA VAL D 75 -15.94 -4.92 -58.10
C VAL D 75 -14.75 -4.08 -58.54
N PHE D 76 -13.95 -3.63 -57.59
CA PHE D 76 -12.89 -2.66 -57.86
C PHE D 76 -11.52 -3.32 -57.83
N TYR E 18 -8.01 22.09 -60.58
CA TYR E 18 -6.81 21.75 -59.83
C TYR E 18 -6.01 22.97 -59.44
N GLU E 19 -5.25 22.81 -58.35
CA GLU E 19 -4.16 23.68 -57.90
C GLU E 19 -4.62 25.06 -57.42
N ALA E 20 -5.91 25.36 -57.48
CA ALA E 20 -6.32 26.72 -57.12
C ALA E 20 -7.73 26.79 -56.54
N PRO E 21 -7.89 26.71 -55.22
CA PRO E 21 -9.08 27.27 -54.58
C PRO E 21 -8.77 28.67 -54.05
N ALA E 22 -9.80 29.42 -53.63
CA ALA E 22 -9.60 30.81 -53.26
C ALA E 22 -9.11 30.98 -51.82
N TYR E 23 -9.94 30.60 -50.85
CA TYR E 23 -9.66 30.89 -49.45
C TYR E 23 -9.28 29.64 -48.65
N HIS E 24 -8.57 28.72 -49.29
CA HIS E 24 -8.20 27.44 -48.70
C HIS E 24 -6.69 27.23 -48.67
N LEU E 25 -6.00 27.55 -49.76
CA LEU E 25 -4.53 27.49 -49.76
C LEU E 25 -3.93 28.59 -48.92
N ILE E 26 -4.66 29.67 -48.70
CA ILE E 26 -4.25 30.67 -47.71
C ILE E 26 -4.26 30.07 -46.32
N LEU E 27 -5.34 29.36 -45.98
CA LEU E 27 -5.45 28.75 -44.65
C LEU E 27 -4.54 27.54 -44.52
N GLU E 28 -4.33 26.81 -45.61
CA GLU E 28 -3.34 25.74 -45.58
C GLU E 28 -1.93 26.32 -45.51
N GLY E 29 -1.73 27.53 -46.02
CA GLY E 29 -0.43 28.17 -45.88
C GLY E 29 -0.15 28.66 -44.48
N ILE E 30 -1.20 28.89 -43.69
CA ILE E 30 -1.00 29.27 -42.29
C ILE E 30 -0.50 28.07 -41.48
N LEU E 31 -1.15 26.92 -41.66
CA LEU E 31 -0.85 25.75 -40.83
C LEU E 31 0.51 25.15 -41.15
N ILE E 32 0.96 25.23 -42.41
CA ILE E 32 2.30 24.75 -42.74
C ILE E 32 3.37 25.67 -42.15
N LEU E 33 3.03 26.92 -41.85
CA LEU E 33 3.92 27.77 -41.07
C LEU E 33 3.64 27.68 -39.59
N TRP E 34 2.53 27.05 -39.19
CA TRP E 34 2.29 26.79 -37.78
C TRP E 34 3.10 25.60 -37.28
N ILE E 35 3.41 24.64 -38.17
CA ILE E 35 4.15 23.45 -37.79
C ILE E 35 5.61 23.78 -37.51
N ILE E 36 6.21 24.63 -38.34
CA ILE E 36 7.63 24.94 -38.21
C ILE E 36 7.89 25.74 -36.94
N ARG E 37 6.95 26.62 -36.57
CA ARG E 37 6.93 27.22 -35.25
C ARG E 37 6.72 26.17 -34.16
N LEU E 38 5.85 25.18 -34.42
CA LEU E 38 5.53 24.18 -33.41
C LEU E 38 6.67 23.19 -33.21
N LEU E 39 7.45 22.93 -34.27
CA LEU E 39 8.55 22.00 -34.15
C LEU E 39 9.74 22.58 -33.38
N PHE E 40 9.79 23.91 -33.24
CA PHE E 40 10.82 24.59 -32.47
C PHE E 40 10.13 25.39 -31.35
N SER E 41 9.88 24.76 -30.21
CA SER E 41 9.50 25.55 -29.03
C SER E 41 10.28 25.13 -27.79
N LYS E 42 10.47 23.82 -27.62
CA LYS E 42 11.48 23.19 -26.78
C LYS E 42 11.30 23.32 -25.27
N THR E 43 10.38 24.15 -24.78
CA THR E 43 10.39 24.47 -23.35
C THR E 43 9.05 25.01 -22.87
N TYR E 44 8.81 24.79 -21.57
CA TYR E 44 7.75 25.38 -20.76
C TYR E 44 8.09 25.04 -19.30
N LYS E 45 7.28 25.56 -18.38
CA LYS E 45 7.21 25.09 -16.99
C LYS E 45 7.12 23.58 -16.86
N1 PLP F . 8.66 -2.89 2.15
C2 PLP F . 9.27 -3.42 1.05
C2A PLP F . 10.25 -2.61 0.28
C3 PLP F . 9.00 -4.72 0.64
O3 PLP F . 9.63 -5.21 -0.46
C4 PLP F . 8.09 -5.50 1.35
C4A PLP F . 8.25 -6.99 1.30
C5 PLP F . 7.48 -4.95 2.46
C6 PLP F . 7.76 -3.65 2.87
C5A PLP F . 6.50 -5.78 3.24
O4P PLP F . 6.51 -5.38 4.59
P PLP F . 6.29 -6.53 5.68
O1P PLP F . 7.62 -6.95 6.23
O2P PLP F . 5.69 -7.70 4.95
O3P PLP F . 5.38 -6.07 6.79
#